data_6DZZ
#
_entry.id   6DZZ
#
_cell.length_a   1
_cell.length_b   1
_cell.length_c   1
_cell.angle_alpha   90.00
_cell.angle_beta   90.00
_cell.angle_gamma   90.00
#
_symmetry.space_group_name_H-M   'P 1'
#
loop_
_entity.id
_entity.type
_entity.pdbx_description
1 polymer 'Sodium-dependent serotonin transporter'
2 polymer '15B8 antibody heavy chain'
3 polymer '15B8 antibody light chain'
4 branched 2-acetamido-2-deoxy-beta-D-glucopyranose-(1-4)-2-acetamido-2-deoxy-beta-D-glucopyranose
5 non-polymer (5beta)-12-methoxyibogamine
6 non-polymer DODECYL-BETA-D-MALTOSIDE
#
loop_
_entity_poly.entity_id
_entity_poly.type
_entity_poly.pdbx_seq_one_letter_code
_entity_poly.pdbx_strand_id
1 'polypeptide(L)'
;ERETWGKKVDFLLSVIGYAVDLGNVWRFPYICYQNGGGAFLLPYTIMAIFGGIPLFYMELALGQYHRNGCISIWRKICPI
FKGIGYAICIIAFYIASYYNTIMAWALYYLISSFTDQLPWTSCKNSWNTGNCTNYFSEDNITWTLHSTSPAEEFYTRHVL
QIHRSKGLQDLGGISWQLALCIMLIFTVIYFSIWKGVKTSGKVVWVTATFPYIILSVLLVRGATLPGAWRGVLFYLKPNW
QKLLETGVWIDAAAQIFFSLGPGFGVLLAFASYNKFNNNCYQDALVTSVVNCMTSFVSGFVIFTVLGYMAEMRNEDVSEV
AKDAGPSLLFITYAEAIANMPASTFFAIIFFLMLITLGLDSTFAGLEGVITAVLDEFPHVWAKRRERFVLAVVITCFFGS
LVTLTFGGAYVVKLLEEYATGPAVLTVALIEAVAVSWFYGITQFCRDVKEMLGFSPGWFWRICWVAISPLFLLFIICSFL
MSPPQLRLFQYNYPYWSIILGYCIGTSSFICIPTYIAYRLIITPGTFKERIIKSITPETP
;
A
2 'polypeptide(L)'
;QVQLQQSGPELVKLGASVRISCKASGYRFSYSWMNWVKQRPGKGLEWIGRIYPGDGDTKYSGKFKGKATLTADKSSSTVY
MQLSSLTSEDSAVYFCARSAYGSEGFAMDYWGQGTSVT
;
B
3 'polypeptide(L)'
;DIVLTQSPASLAVSLGQRATISCRASESVDNYGISFLNWFQQKPGQPPKLLIYAASNQGSGVPARFSGSGSGTYFSLNIH
PMEEDDTAVYFCQQTKGVSWTFGGGTKVEI
;
C
#
# COMPACT_ATOMS: atom_id res chain seq x y z
N GLU A 1 -40.77 -30.91 -3.03
CA GLU A 1 -39.44 -31.18 -3.55
C GLU A 1 -38.42 -31.24 -2.42
N ARG A 2 -37.45 -32.15 -2.55
CA ARG A 2 -36.43 -32.32 -1.53
C ARG A 2 -35.30 -31.31 -1.69
N GLU A 3 -34.93 -31.01 -2.94
CA GLU A 3 -33.88 -30.04 -3.31
C GLU A 3 -32.53 -30.44 -2.70
N THR A 4 -32.00 -31.54 -3.21
CA THR A 4 -30.82 -32.20 -2.64
C THR A 4 -29.55 -31.39 -2.92
N TRP A 5 -28.40 -32.01 -2.63
CA TRP A 5 -27.09 -31.35 -2.63
C TRP A 5 -26.62 -30.91 -4.02
N GLY A 6 -27.31 -31.31 -5.09
CA GLY A 6 -26.99 -30.78 -6.40
C GLY A 6 -27.27 -29.30 -6.52
N LYS A 7 -28.29 -28.81 -5.80
CA LYS A 7 -28.53 -27.38 -5.73
C LYS A 7 -27.58 -26.70 -4.76
N LYS A 8 -27.20 -27.40 -3.68
CA LYS A 8 -26.37 -26.82 -2.62
C LYS A 8 -24.99 -26.44 -3.12
N VAL A 9 -24.42 -27.22 -4.04
CA VAL A 9 -23.16 -26.84 -4.65
C VAL A 9 -23.35 -25.62 -5.54
N ASP A 10 -24.47 -25.56 -6.26
CA ASP A 10 -24.74 -24.45 -7.15
C ASP A 10 -25.16 -23.19 -6.40
N PHE A 11 -25.75 -23.33 -5.21
CA PHE A 11 -26.26 -22.18 -4.49
C PHE A 11 -25.26 -21.58 -3.52
N LEU A 12 -24.66 -22.41 -2.66
CA LEU A 12 -23.83 -21.91 -1.56
C LEU A 12 -22.54 -21.28 -2.07
N LEU A 13 -21.94 -21.85 -3.12
CA LEU A 13 -20.74 -21.25 -3.70
C LEU A 13 -21.05 -19.99 -4.47
N SER A 14 -22.29 -19.80 -4.92
CA SER A 14 -22.69 -18.56 -5.56
C SER A 14 -22.95 -17.44 -4.56
N VAL A 15 -23.22 -17.79 -3.28
CA VAL A 15 -23.37 -16.77 -2.26
C VAL A 15 -22.01 -16.21 -1.86
N ILE A 16 -20.97 -17.06 -1.91
CA ILE A 16 -19.61 -16.63 -1.57
C ILE A 16 -19.10 -15.59 -2.56
N GLY A 17 -19.47 -15.73 -3.84
CA GLY A 17 -19.08 -14.76 -4.85
C GLY A 17 -19.75 -13.41 -4.68
N TYR A 18 -20.92 -13.36 -4.05
CA TYR A 18 -21.61 -12.11 -3.77
C TYR A 18 -21.28 -11.54 -2.39
N ALA A 19 -20.48 -12.25 -1.59
CA ALA A 19 -20.24 -11.86 -0.21
C ALA A 19 -18.85 -11.24 0.00
N VAL A 20 -17.79 -11.94 -0.41
CA VAL A 20 -16.44 -11.52 -0.07
C VAL A 20 -16.02 -10.34 -0.95
N ASP A 21 -15.45 -9.32 -0.31
CA ASP A 21 -14.98 -8.12 -0.99
C ASP A 21 -13.57 -7.80 -0.50
N LEU A 22 -13.02 -6.66 -0.89
CA LEU A 22 -11.82 -6.19 -0.21
C LEU A 22 -12.14 -5.55 1.15
N GLY A 23 -13.41 -5.27 1.43
CA GLY A 23 -13.79 -4.89 2.78
C GLY A 23 -13.77 -6.04 3.76
N ASN A 24 -13.73 -7.28 3.26
CA ASN A 24 -13.65 -8.47 4.10
C ASN A 24 -12.23 -9.02 4.21
N VAL A 25 -11.33 -8.60 3.33
CA VAL A 25 -9.97 -9.11 3.28
C VAL A 25 -8.96 -8.06 3.73
N TRP A 26 -9.15 -6.81 3.32
CA TRP A 26 -8.23 -5.72 3.62
C TRP A 26 -8.69 -4.83 4.77
N ARG A 27 -9.97 -4.47 4.81
CA ARG A 27 -10.46 -3.52 5.81
C ARG A 27 -10.57 -4.15 7.20
N PHE A 28 -11.15 -5.35 7.28
CA PHE A 28 -11.43 -6.00 8.55
C PHE A 28 -10.21 -6.41 9.39
N PRO A 29 -9.11 -6.96 8.85
CA PRO A 29 -7.98 -7.29 9.74
C PRO A 29 -7.26 -6.08 10.30
N TYR A 30 -7.34 -4.97 9.58
CA TYR A 30 -6.69 -3.74 10.00
C TYR A 30 -7.53 -2.93 11.02
N ILE A 31 -8.84 -3.07 10.96
CA ILE A 31 -9.74 -2.39 11.89
C ILE A 31 -9.88 -3.18 13.19
N CYS A 32 -9.54 -4.47 13.19
CA CYS A 32 -9.37 -5.20 14.44
C CYS A 32 -8.07 -4.80 15.12
N TYR A 33 -7.08 -4.36 14.34
CA TYR A 33 -5.75 -4.12 14.86
C TYR A 33 -5.52 -2.66 15.25
N GLN A 34 -6.36 -1.74 14.77
CA GLN A 34 -6.20 -0.33 15.11
C GLN A 34 -6.57 -0.08 16.57
N ASN A 35 -7.67 -0.64 17.03
CA ASN A 35 -8.16 -0.42 18.40
C ASN A 35 -7.88 -1.60 19.32
N GLY A 36 -6.89 -2.42 18.98
CA GLY A 36 -6.56 -3.58 19.79
C GLY A 36 -7.39 -4.79 19.42
N GLY A 37 -6.71 -5.91 19.16
CA GLY A 37 -7.41 -7.11 18.78
C GLY A 37 -8.17 -7.73 19.94
N GLY A 38 -9.30 -8.35 19.63
CA GLY A 38 -10.18 -8.92 20.62
C GLY A 38 -11.23 -7.95 21.13
N ALA A 39 -10.86 -6.67 21.24
CA ALA A 39 -11.78 -5.63 21.65
C ALA A 39 -12.72 -5.20 20.53
N PHE A 40 -12.52 -5.69 19.31
CA PHE A 40 -13.37 -5.33 18.19
C PHE A 40 -14.36 -6.42 17.83
N LEU A 41 -14.06 -7.68 18.15
CA LEU A 41 -14.88 -8.80 17.68
C LEU A 41 -16.24 -8.84 18.36
N LEU A 42 -16.28 -8.54 19.66
CA LEU A 42 -17.56 -8.52 20.38
C LEU A 42 -18.45 -7.32 20.03
N PRO A 43 -17.94 -6.10 19.78
CA PRO A 43 -18.83 -5.10 19.18
C PRO A 43 -19.15 -5.36 17.70
N TYR A 44 -18.41 -6.25 17.04
CA TYR A 44 -18.72 -6.55 15.65
C TYR A 44 -19.97 -7.42 15.53
N THR A 45 -20.11 -8.41 16.41
CA THR A 45 -21.23 -9.32 16.35
C THR A 45 -22.51 -8.75 16.95
N ILE A 46 -22.45 -7.58 17.58
CA ILE A 46 -23.65 -6.94 18.10
C ILE A 46 -24.14 -5.84 17.17
N MET A 47 -23.21 -5.06 16.60
CA MET A 47 -23.58 -4.00 15.67
C MET A 47 -24.08 -4.57 14.35
N ALA A 48 -23.65 -5.77 13.98
CA ALA A 48 -24.12 -6.37 12.73
C ALA A 48 -25.56 -6.87 12.87
N ILE A 49 -25.91 -7.42 14.03
CA ILE A 49 -27.28 -7.91 14.23
C ILE A 49 -28.24 -6.76 14.38
N PHE A 50 -27.85 -5.72 15.12
CA PHE A 50 -28.76 -4.62 15.43
C PHE A 50 -28.76 -3.52 14.38
N GLY A 51 -27.64 -3.29 13.70
CA GLY A 51 -27.56 -2.17 12.78
C GLY A 51 -27.20 -2.52 11.34
N GLY A 52 -26.56 -3.67 11.14
CA GLY A 52 -26.10 -4.03 9.80
C GLY A 52 -27.12 -4.81 8.99
N ILE A 53 -27.61 -5.91 9.55
CA ILE A 53 -28.56 -6.79 8.87
C ILE A 53 -29.93 -6.16 8.63
N PRO A 54 -30.57 -5.42 9.57
CA PRO A 54 -31.84 -4.76 9.20
C PRO A 54 -31.71 -3.66 8.16
N LEU A 55 -30.54 -3.04 8.03
CA LEU A 55 -30.33 -2.12 6.91
C LEU A 55 -29.87 -2.85 5.65
N PHE A 56 -29.32 -4.05 5.78
CA PHE A 56 -29.01 -4.87 4.61
C PHE A 56 -30.29 -5.41 3.97
N TYR A 57 -31.29 -5.71 4.78
CA TYR A 57 -32.55 -6.26 4.29
C TYR A 57 -33.50 -5.17 3.79
N MET A 58 -33.34 -3.93 4.26
CA MET A 58 -34.26 -2.87 3.88
C MET A 58 -34.05 -2.42 2.45
N GLU A 59 -32.79 -2.31 2.02
CA GLU A 59 -32.52 -1.80 0.68
C GLU A 59 -32.82 -2.82 -0.40
N LEU A 60 -32.74 -4.12 -0.08
CA LEU A 60 -33.14 -5.14 -1.04
C LEU A 60 -34.65 -5.23 -1.20
N ALA A 61 -35.42 -4.83 -0.19
CA ALA A 61 -36.87 -4.84 -0.31
C ALA A 61 -37.35 -3.69 -1.20
N LEU A 62 -36.76 -2.51 -1.05
CA LEU A 62 -37.13 -1.37 -1.89
C LEU A 62 -36.57 -1.46 -3.30
N GLY A 63 -35.59 -2.33 -3.54
CA GLY A 63 -35.05 -2.50 -4.88
C GLY A 63 -35.96 -3.32 -5.78
N GLN A 64 -36.61 -4.33 -5.20
CA GLN A 64 -37.51 -5.17 -5.98
C GLN A 64 -38.91 -4.58 -6.13
N TYR A 65 -39.28 -3.64 -5.27
CA TYR A 65 -40.63 -3.08 -5.33
C TYR A 65 -40.73 -2.00 -6.39
N HIS A 66 -39.95 -0.92 -6.24
CA HIS A 66 -40.08 0.23 -7.11
C HIS A 66 -39.37 0.04 -8.46
N ARG A 67 -38.35 -0.83 -8.50
CA ARG A 67 -37.64 -1.21 -9.73
C ARG A 67 -36.98 0.00 -10.41
N ASN A 68 -36.17 0.74 -9.65
CA ASN A 68 -35.43 1.88 -10.17
C ASN A 68 -34.07 1.93 -9.51
N GLY A 69 -33.26 2.92 -9.91
CA GLY A 69 -31.99 3.17 -9.25
C GLY A 69 -32.15 4.10 -8.06
N CYS A 70 -31.11 4.15 -7.22
CA CYS A 70 -31.17 4.83 -5.93
C CYS A 70 -31.32 6.34 -6.05
N ILE A 71 -31.09 6.92 -7.23
CA ILE A 71 -31.47 8.31 -7.45
C ILE A 71 -32.99 8.43 -7.54
N SER A 72 -33.65 7.45 -8.17
CA SER A 72 -35.06 7.53 -8.49
C SER A 72 -35.91 6.51 -7.72
N ILE A 73 -35.36 5.92 -6.65
CA ILE A 73 -36.22 5.19 -5.72
C ILE A 73 -37.01 6.18 -4.87
N TRP A 74 -36.37 7.28 -4.47
CA TRP A 74 -36.99 8.20 -3.53
C TRP A 74 -38.10 9.04 -4.15
N ARG A 75 -38.19 9.11 -5.48
CA ARG A 75 -39.28 9.86 -6.10
C ARG A 75 -40.61 9.15 -5.97
N LYS A 76 -40.60 7.84 -5.71
CA LYS A 76 -41.82 7.09 -5.43
C LYS A 76 -42.05 6.90 -3.93
N ILE A 77 -41.15 7.42 -3.08
CA ILE A 77 -41.27 7.30 -1.64
C ILE A 77 -41.47 8.67 -0.99
N CYS A 78 -40.50 9.57 -1.15
CA CYS A 78 -40.62 10.91 -0.60
C CYS A 78 -39.77 11.86 -1.45
N PRO A 79 -40.39 12.77 -2.20
CA PRO A 79 -39.63 13.53 -3.22
C PRO A 79 -38.65 14.56 -2.67
N ILE A 80 -38.73 14.91 -1.38
CA ILE A 80 -37.77 15.87 -0.84
C ILE A 80 -36.45 15.21 -0.48
N PHE A 81 -36.43 13.89 -0.26
CA PHE A 81 -35.20 13.18 0.05
C PHE A 81 -34.55 12.59 -1.21
N LYS A 82 -34.39 13.42 -2.23
CA LYS A 82 -33.67 13.03 -3.43
C LYS A 82 -32.17 13.30 -3.30
N GLY A 83 -31.78 14.21 -2.40
CA GLY A 83 -30.38 14.50 -2.13
C GLY A 83 -29.64 13.40 -1.41
N ILE A 84 -30.35 12.38 -0.89
CA ILE A 84 -29.70 11.19 -0.39
C ILE A 84 -28.97 10.48 -1.51
N GLY A 85 -29.62 10.38 -2.68
CA GLY A 85 -28.96 9.83 -3.85
C GLY A 85 -27.82 10.70 -4.36
N TYR A 86 -27.96 12.03 -4.21
CA TYR A 86 -26.84 12.90 -4.52
C TYR A 86 -25.75 12.79 -3.46
N ALA A 87 -26.11 12.41 -2.23
CA ALA A 87 -25.09 12.13 -1.22
C ALA A 87 -24.38 10.81 -1.50
N ILE A 88 -25.04 9.89 -2.21
CA ILE A 88 -24.39 8.65 -2.62
C ILE A 88 -23.34 8.93 -3.69
N CYS A 89 -23.67 9.82 -4.64
CA CYS A 89 -22.76 10.10 -5.75
C CYS A 89 -21.54 10.89 -5.29
N ILE A 90 -21.65 11.69 -4.25
CA ILE A 90 -20.51 12.44 -3.77
C ILE A 90 -19.64 11.61 -2.82
N ILE A 91 -20.20 10.59 -2.17
CA ILE A 91 -19.38 9.67 -1.38
C ILE A 91 -18.65 8.70 -2.29
N ALA A 92 -19.34 8.18 -3.31
CA ALA A 92 -18.73 7.23 -4.24
C ALA A 92 -17.63 7.86 -5.09
N PHE A 93 -17.61 9.19 -5.21
CA PHE A 93 -16.46 9.85 -5.80
C PHE A 93 -15.25 9.80 -4.88
N TYR A 94 -15.48 9.86 -3.56
CA TYR A 94 -14.38 9.77 -2.60
C TYR A 94 -13.88 8.34 -2.42
N ILE A 95 -14.71 7.34 -2.71
CA ILE A 95 -14.25 5.95 -2.62
C ILE A 95 -13.31 5.64 -3.78
N ALA A 96 -13.54 6.26 -4.95
CA ALA A 96 -12.70 6.03 -6.11
C ALA A 96 -11.28 6.56 -5.94
N SER A 97 -11.09 7.54 -5.05
CA SER A 97 -9.74 7.93 -4.65
C SER A 97 -9.23 7.09 -3.47
N TYR A 98 -10.11 6.37 -2.80
CA TYR A 98 -9.73 5.54 -1.66
C TYR A 98 -9.53 4.08 -2.03
N TYR A 99 -10.34 3.55 -2.94
CA TYR A 99 -10.39 2.11 -3.19
C TYR A 99 -9.64 1.70 -4.45
N ASN A 100 -9.55 2.58 -5.46
CA ASN A 100 -8.81 2.25 -6.66
C ASN A 100 -7.31 2.29 -6.46
N THR A 101 -6.83 3.02 -5.46
CA THR A 101 -5.40 3.08 -5.19
C THR A 101 -4.89 1.80 -4.53
N ILE A 102 -5.74 1.12 -3.77
CA ILE A 102 -5.36 -0.15 -3.17
C ILE A 102 -5.25 -1.22 -4.24
N MET A 103 -6.05 -1.11 -5.30
CA MET A 103 -5.87 -1.95 -6.46
C MET A 103 -4.55 -1.63 -7.18
N ALA A 104 -4.14 -0.36 -7.16
CA ALA A 104 -2.90 0.04 -7.83
C ALA A 104 -1.68 -0.47 -7.09
N TRP A 105 -1.78 -0.67 -5.77
CA TRP A 105 -0.69 -1.26 -5.02
C TRP A 105 -0.66 -2.78 -5.17
N ALA A 106 -1.78 -3.40 -5.54
CA ALA A 106 -1.82 -4.85 -5.68
C ALA A 106 -1.20 -5.30 -7.00
N LEU A 107 -1.44 -4.57 -8.08
CA LEU A 107 -0.83 -4.91 -9.36
C LEU A 107 0.66 -4.60 -9.39
N TYR A 108 1.15 -3.74 -8.50
CA TYR A 108 2.57 -3.41 -8.50
C TYR A 108 3.40 -4.54 -7.91
N TYR A 109 2.86 -5.27 -6.93
CA TYR A 109 3.57 -6.44 -6.41
C TYR A 109 3.60 -7.57 -7.41
N LEU A 110 2.62 -7.63 -8.31
CA LEU A 110 2.62 -8.66 -9.34
C LEU A 110 3.72 -8.42 -10.37
N ILE A 111 4.00 -7.16 -10.68
CA ILE A 111 5.05 -6.84 -11.65
C ILE A 111 6.43 -7.08 -11.04
N SER A 112 6.61 -6.72 -9.76
CA SER A 112 7.90 -6.80 -9.11
C SER A 112 8.16 -8.15 -8.43
N SER A 113 7.52 -9.23 -8.92
CA SER A 113 7.76 -10.54 -8.32
C SER A 113 7.93 -11.65 -9.35
N PHE A 114 8.34 -11.32 -10.58
CA PHE A 114 8.67 -12.36 -11.55
C PHE A 114 10.05 -12.94 -11.35
N THR A 115 10.90 -12.27 -10.57
CA THR A 115 12.24 -12.76 -10.29
C THR A 115 12.17 -13.94 -9.31
N ASP A 116 13.00 -14.96 -9.56
CA ASP A 116 13.07 -16.11 -8.65
C ASP A 116 13.57 -15.69 -7.27
N GLN A 117 14.51 -14.75 -7.23
CA GLN A 117 14.92 -14.15 -5.96
C GLN A 117 13.88 -13.12 -5.57
N LEU A 118 13.10 -13.41 -4.53
CA LEU A 118 12.05 -12.49 -4.11
C LEU A 118 12.67 -11.32 -3.35
N PRO A 119 12.20 -10.09 -3.61
CA PRO A 119 12.75 -8.94 -2.88
C PRO A 119 12.32 -8.87 -1.42
N TRP A 120 11.29 -9.61 -1.01
CA TRP A 120 10.88 -9.62 0.39
C TRP A 120 11.85 -10.39 1.27
N THR A 121 12.59 -11.34 0.70
CA THR A 121 13.41 -12.25 1.48
C THR A 121 14.64 -11.59 2.09
N SER A 122 15.10 -10.48 1.52
CA SER A 122 16.31 -9.83 2.01
C SER A 122 16.16 -8.32 1.88
N CYS A 123 17.11 -7.61 2.46
CA CYS A 123 17.20 -6.15 2.37
C CYS A 123 18.57 -5.79 1.81
N LYS A 124 18.92 -6.43 0.70
CA LYS A 124 20.28 -6.55 0.18
C LYS A 124 20.69 -5.32 -0.63
N ASN A 125 20.46 -4.11 -0.05
CA ASN A 125 20.81 -2.81 -0.63
C ASN A 125 20.26 -2.65 -2.05
N SER A 126 19.06 -3.17 -2.28
CA SER A 126 18.54 -3.29 -3.64
C SER A 126 18.05 -1.94 -4.16
N TRP A 127 17.03 -1.38 -3.53
CA TRP A 127 16.53 -0.06 -3.90
C TRP A 127 16.77 0.97 -2.80
N ASN A 128 16.25 0.74 -1.60
CA ASN A 128 16.48 1.63 -0.47
C ASN A 128 16.24 0.81 0.79
N THR A 129 17.32 0.34 1.41
CA THR A 129 17.24 -0.42 2.65
C THR A 129 18.12 0.24 3.71
N GLY A 130 18.37 -0.46 4.81
CA GLY A 130 19.21 0.06 5.86
C GLY A 130 18.51 -0.04 7.21
N ASN A 131 19.27 -0.44 8.24
CA ASN A 131 18.75 -0.75 9.58
C ASN A 131 17.66 -1.81 9.49
N CYS A 132 18.07 -2.97 8.98
CA CYS A 132 17.16 -4.07 8.65
C CYS A 132 17.78 -5.40 9.05
N THR A 133 16.94 -6.31 9.52
CA THR A 133 17.35 -7.67 9.88
C THR A 133 16.42 -8.63 9.16
N ASN A 134 16.92 -9.26 8.09
CA ASN A 134 16.07 -10.16 7.30
C ASN A 134 15.91 -11.53 7.97
N TYR A 135 17.00 -12.09 8.46
CA TYR A 135 16.97 -13.42 9.09
C TYR A 135 16.68 -13.24 10.58
N PHE A 136 15.49 -13.65 11.00
CA PHE A 136 15.12 -13.52 12.41
C PHE A 136 15.85 -14.55 13.26
N SER A 137 15.77 -15.83 12.88
CA SER A 137 16.46 -16.90 13.57
C SER A 137 17.31 -17.75 12.64
N GLU A 138 17.40 -17.39 11.36
CA GLU A 138 18.19 -18.17 10.41
C GLU A 138 19.68 -17.87 10.49
N ASP A 139 20.05 -16.72 11.04
CA ASP A 139 21.46 -16.35 11.21
C ASP A 139 21.64 -15.72 12.59
N ASN A 140 20.91 -16.28 13.57
CA ASN A 140 20.87 -15.94 15.02
C ASN A 140 21.04 -14.45 15.33
N ILE A 141 20.29 -13.64 14.62
CA ILE A 141 20.28 -12.19 14.82
C ILE A 141 19.28 -11.84 15.90
N THR A 142 19.73 -11.15 16.94
CA THR A 142 18.83 -10.68 17.97
C THR A 142 18.10 -9.43 17.50
N TRP A 143 16.94 -9.18 18.09
CA TRP A 143 16.11 -8.05 17.71
C TRP A 143 16.35 -6.87 18.66
N THR A 144 16.60 -5.70 18.08
CA THR A 144 16.78 -4.48 18.84
C THR A 144 15.69 -3.47 18.47
N LEU A 145 15.70 -2.34 19.17
CA LEU A 145 14.75 -1.29 18.88
C LEU A 145 15.16 -0.53 17.63
N HIS A 146 14.19 0.21 17.07
CA HIS A 146 14.33 0.99 15.83
C HIS A 146 14.80 0.15 14.67
N SER A 147 14.30 -1.08 14.59
CA SER A 147 14.61 -2.01 13.50
C SER A 147 13.34 -2.32 12.72
N THR A 148 13.49 -2.46 11.41
CA THR A 148 12.38 -2.70 10.51
C THR A 148 12.65 -3.93 9.66
N SER A 149 11.60 -4.72 9.43
CA SER A 149 11.68 -5.92 8.60
C SER A 149 11.76 -5.53 7.12
N PRO A 150 12.39 -6.37 6.30
CA PRO A 150 12.38 -6.12 4.85
C PRO A 150 11.01 -6.27 4.20
N ALA A 151 10.06 -6.94 4.86
CA ALA A 151 8.69 -6.95 4.36
C ALA A 151 8.04 -5.58 4.51
N GLU A 152 8.47 -4.79 5.49
CA GLU A 152 7.99 -3.42 5.64
C GLU A 152 8.83 -2.44 4.82
N GLU A 153 10.14 -2.69 4.70
CA GLU A 153 11.00 -1.81 3.93
C GLU A 153 10.74 -1.90 2.44
N PHE A 154 10.24 -3.04 1.96
CA PHE A 154 9.82 -3.14 0.57
C PHE A 154 8.56 -2.34 0.29
N TYR A 155 7.74 -2.12 1.31
CA TYR A 155 6.55 -1.28 1.14
C TYR A 155 6.88 0.20 1.31
N THR A 156 7.54 0.55 2.42
CA THR A 156 7.60 1.95 2.87
C THR A 156 8.52 2.83 2.03
N ARG A 157 9.32 2.27 1.14
CA ARG A 157 10.19 3.08 0.29
C ARG A 157 10.16 2.75 -1.19
N HIS A 158 9.77 1.53 -1.59
CA HIS A 158 9.75 1.20 -3.01
C HIS A 158 8.44 1.66 -3.67
N VAL A 159 7.31 1.11 -3.23
CA VAL A 159 6.05 1.37 -3.89
C VAL A 159 5.45 2.71 -3.46
N LEU A 160 5.56 3.05 -2.16
CA LEU A 160 5.00 4.29 -1.63
C LEU A 160 6.12 5.03 -0.93
N GLN A 161 6.73 5.99 -1.62
CA GLN A 161 7.91 6.69 -1.14
C GLN A 161 7.48 7.73 -0.10
N ILE A 162 7.48 7.32 1.16
CA ILE A 162 6.94 8.16 2.22
C ILE A 162 7.92 9.28 2.60
N HIS A 163 9.23 9.00 2.55
CA HIS A 163 10.23 9.95 3.00
C HIS A 163 10.38 11.14 2.05
N ARG A 164 9.85 11.04 0.82
CA ARG A 164 9.76 12.21 -0.06
C ARG A 164 8.88 13.32 0.54
N SER A 165 7.82 12.94 1.25
CA SER A 165 6.91 13.90 1.85
C SER A 165 7.24 14.06 3.33
N LYS A 166 7.45 15.30 3.76
CA LYS A 166 7.70 15.56 5.18
C LYS A 166 6.45 15.41 6.02
N GLY A 167 5.27 15.53 5.42
CA GLY A 167 4.04 15.38 6.15
C GLY A 167 2.85 15.55 5.24
N LEU A 168 1.69 15.79 5.83
CA LEU A 168 0.50 16.05 5.03
C LEU A 168 0.54 17.45 4.43
N GLN A 169 1.23 18.38 5.10
CA GLN A 169 1.32 19.76 4.61
C GLN A 169 2.23 19.90 3.40
N ASP A 170 3.13 18.95 3.17
CA ASP A 170 4.07 19.01 2.06
C ASP A 170 4.02 17.70 1.30
N LEU A 171 3.47 17.72 0.10
CA LEU A 171 3.45 16.57 -0.78
C LEU A 171 4.44 16.78 -1.92
N GLY A 172 5.00 15.68 -2.41
CA GLY A 172 5.96 15.72 -3.49
C GLY A 172 5.28 15.78 -4.85
N GLY A 173 5.98 15.26 -5.86
CA GLY A 173 5.45 15.18 -7.21
C GLY A 173 4.53 13.99 -7.40
N ILE A 174 4.59 13.41 -8.60
CA ILE A 174 3.78 12.25 -8.94
C ILE A 174 4.72 11.12 -9.36
N SER A 175 4.57 9.96 -8.72
CA SER A 175 5.40 8.81 -9.06
C SER A 175 5.00 8.25 -10.41
N TRP A 176 5.98 8.17 -11.32
CA TRP A 176 5.70 7.71 -12.68
C TRP A 176 5.42 6.22 -12.74
N GLN A 177 5.99 5.45 -11.81
CA GLN A 177 5.90 4.00 -11.88
C GLN A 177 4.56 3.49 -11.35
N LEU A 178 3.93 4.20 -10.43
CA LEU A 178 2.64 3.82 -9.90
C LEU A 178 1.47 4.43 -10.66
N ALA A 179 1.66 5.61 -11.27
CA ALA A 179 0.58 6.26 -12.00
C ALA A 179 0.27 5.53 -13.30
N LEU A 180 1.27 4.90 -13.92
CA LEU A 180 1.01 4.05 -15.07
C LEU A 180 0.47 2.68 -14.68
N CYS A 181 0.50 2.33 -13.40
CA CYS A 181 -0.05 1.06 -12.95
C CYS A 181 -1.55 1.15 -12.72
N ILE A 182 -2.06 2.31 -12.30
CA ILE A 182 -3.50 2.48 -12.13
C ILE A 182 -4.18 2.74 -13.48
N MET A 183 -3.42 3.12 -14.51
CA MET A 183 -3.98 3.35 -15.83
C MET A 183 -4.42 2.05 -16.48
N LEU A 184 -3.71 0.95 -16.21
CA LEU A 184 -4.10 -0.36 -16.72
C LEU A 184 -5.36 -0.88 -16.04
N ILE A 185 -5.64 -0.43 -14.81
CA ILE A 185 -6.83 -0.88 -14.11
C ILE A 185 -8.08 -0.23 -14.69
N PHE A 186 -8.04 1.09 -14.91
CA PHE A 186 -9.19 1.80 -15.47
C PHE A 186 -9.45 1.44 -16.92
N THR A 187 -8.45 0.88 -17.62
CA THR A 187 -8.71 0.35 -18.95
C THR A 187 -9.56 -0.91 -18.87
N VAL A 188 -9.33 -1.76 -17.87
CA VAL A 188 -10.10 -2.98 -17.70
C VAL A 188 -11.51 -2.65 -17.21
N ILE A 189 -11.64 -1.66 -16.33
CA ILE A 189 -12.94 -1.27 -15.79
C ILE A 189 -13.82 -0.66 -16.88
N TYR A 190 -13.24 0.18 -17.74
CA TYR A 190 -14.00 0.77 -18.83
C TYR A 190 -14.37 -0.26 -19.89
N PHE A 191 -13.56 -1.29 -20.06
CA PHE A 191 -13.86 -2.37 -21.00
C PHE A 191 -14.66 -3.50 -20.36
N SER A 192 -15.27 -3.26 -19.21
CA SER A 192 -16.11 -4.23 -18.52
C SER A 192 -17.52 -3.74 -18.28
N ILE A 193 -17.70 -2.44 -18.01
CA ILE A 193 -19.01 -1.86 -17.83
C ILE A 193 -19.46 -1.23 -19.14
N TRP A 194 -18.78 -1.58 -20.24
CA TRP A 194 -19.16 -1.11 -21.56
C TRP A 194 -20.49 -1.70 -22.01
N LYS A 195 -20.81 -2.91 -21.56
CA LYS A 195 -22.14 -3.48 -21.74
C LYS A 195 -22.84 -3.77 -20.42
N GLY A 196 -22.19 -4.51 -19.53
CA GLY A 196 -22.73 -4.75 -18.20
C GLY A 196 -23.85 -5.79 -18.15
N VAL A 197 -23.52 -7.02 -18.50
CA VAL A 197 -24.49 -8.12 -18.51
C VAL A 197 -24.07 -9.13 -17.42
N LYS A 198 -24.61 -8.95 -16.22
CA LYS A 198 -24.31 -9.85 -15.11
C LYS A 198 -25.50 -9.81 -14.14
N THR A 199 -26.36 -10.84 -14.21
CA THR A 199 -27.49 -10.96 -13.31
C THR A 199 -27.32 -12.14 -12.35
N SER A 200 -27.19 -13.36 -12.88
CA SER A 200 -26.95 -14.54 -12.05
C SER A 200 -26.07 -15.55 -12.77
N GLY A 201 -25.27 -15.12 -13.74
CA GLY A 201 -24.55 -16.02 -14.61
C GLY A 201 -23.40 -16.74 -13.94
N LYS A 202 -22.68 -17.51 -14.76
CA LYS A 202 -21.58 -18.34 -14.29
C LYS A 202 -20.25 -17.60 -14.25
N VAL A 203 -20.27 -16.27 -14.43
CA VAL A 203 -19.03 -15.50 -14.31
C VAL A 203 -18.70 -15.22 -12.85
N VAL A 204 -19.66 -15.40 -11.95
CA VAL A 204 -19.43 -15.22 -10.51
C VAL A 204 -18.54 -16.32 -9.96
N TRP A 205 -18.55 -17.50 -10.60
CA TRP A 205 -17.72 -18.62 -10.18
C TRP A 205 -16.23 -18.30 -10.31
N VAL A 206 -15.80 -17.88 -11.50
CA VAL A 206 -14.38 -17.71 -11.78
C VAL A 206 -13.85 -16.42 -11.17
N THR A 207 -14.68 -15.38 -11.09
CA THR A 207 -14.19 -14.06 -10.72
C THR A 207 -13.93 -13.96 -9.21
N ALA A 208 -14.87 -14.43 -8.39
CA ALA A 208 -14.82 -14.13 -6.96
C ALA A 208 -14.63 -15.35 -6.08
N THR A 209 -15.48 -16.38 -6.21
CA THR A 209 -15.47 -17.44 -5.22
C THR A 209 -14.37 -18.47 -5.43
N PHE A 210 -13.85 -18.61 -6.65
CA PHE A 210 -12.67 -19.43 -6.89
C PHE A 210 -11.35 -18.78 -6.45
N PRO A 211 -11.16 -17.45 -6.54
CA PRO A 211 -10.04 -16.86 -5.79
C PRO A 211 -10.16 -16.97 -4.28
N TYR A 212 -11.36 -17.12 -3.72
CA TYR A 212 -11.47 -17.23 -2.28
C TYR A 212 -11.10 -18.62 -1.79
N ILE A 213 -11.42 -19.67 -2.56
CA ILE A 213 -11.11 -21.02 -2.12
C ILE A 213 -9.62 -21.32 -2.26
N ILE A 214 -8.90 -20.55 -3.07
CA ILE A 214 -7.45 -20.69 -3.15
C ILE A 214 -6.74 -19.75 -2.19
N LEU A 215 -7.45 -18.75 -1.65
CA LEU A 215 -6.87 -17.87 -0.64
C LEU A 215 -6.87 -18.50 0.74
N SER A 216 -7.69 -19.53 0.95
CA SER A 216 -7.79 -20.18 2.25
C SER A 216 -6.60 -21.09 2.56
N VAL A 217 -5.70 -21.32 1.60
CA VAL A 217 -4.52 -22.15 1.85
C VAL A 217 -3.45 -21.40 2.62
N LEU A 218 -3.59 -20.07 2.76
CA LEU A 218 -2.67 -19.31 3.61
C LEU A 218 -2.86 -19.65 5.08
N LEU A 219 -4.06 -20.09 5.46
CA LEU A 219 -4.30 -20.53 6.84
C LEU A 219 -3.58 -21.85 7.12
N VAL A 220 -3.37 -22.67 6.10
CA VAL A 220 -2.61 -23.91 6.27
C VAL A 220 -1.15 -23.60 6.57
N ARG A 221 -0.61 -22.54 5.95
CA ARG A 221 0.77 -22.14 6.21
C ARG A 221 0.91 -21.54 7.61
N GLY A 222 -0.11 -20.79 8.05
CA GLY A 222 -0.06 -20.19 9.38
C GLY A 222 -0.12 -21.20 10.51
N ALA A 223 -0.71 -22.37 10.27
CA ALA A 223 -0.70 -23.43 11.26
C ALA A 223 0.70 -24.04 11.39
N THR A 224 1.40 -24.20 10.26
CA THR A 224 2.76 -24.72 10.29
C THR A 224 3.73 -23.68 10.85
N LEU A 225 3.47 -22.41 10.58
CA LEU A 225 4.38 -21.34 10.97
C LEU A 225 4.34 -21.12 12.49
N PRO A 226 5.49 -20.96 13.14
CA PRO A 226 5.51 -20.78 14.60
C PRO A 226 4.96 -19.42 15.01
N GLY A 227 4.73 -19.28 16.31
CA GLY A 227 4.13 -18.09 16.87
C GLY A 227 2.62 -18.03 16.76
N ALA A 228 1.98 -19.08 16.24
CA ALA A 228 0.53 -19.07 16.06
C ALA A 228 -0.21 -19.27 17.37
N TRP A 229 0.36 -20.05 18.29
CA TRP A 229 -0.29 -20.26 19.59
C TRP A 229 -0.28 -19.00 20.44
N ARG A 230 0.75 -18.17 20.28
CA ARG A 230 0.79 -16.85 20.89
C ARG A 230 0.31 -15.76 19.96
N GLY A 231 -0.17 -16.12 18.77
CA GLY A 231 -0.66 -15.15 17.82
C GLY A 231 -2.18 -15.03 17.80
N VAL A 232 -2.87 -16.17 17.81
CA VAL A 232 -4.33 -16.16 17.75
C VAL A 232 -4.97 -15.83 19.08
N LEU A 233 -4.20 -15.81 20.17
CA LEU A 233 -4.74 -15.42 21.47
C LEU A 233 -5.03 -13.92 21.54
N PHE A 234 -4.28 -13.13 20.75
CA PHE A 234 -4.52 -11.69 20.72
C PHE A 234 -5.83 -11.34 20.01
N TYR A 235 -6.27 -12.19 19.08
CA TYR A 235 -7.53 -11.97 18.40
C TYR A 235 -8.74 -12.29 19.28
N LEU A 236 -8.54 -13.02 20.37
CA LEU A 236 -9.67 -13.49 21.17
C LEU A 236 -9.55 -13.05 22.62
N LYS A 237 -9.28 -11.76 22.85
CA LYS A 237 -9.25 -11.18 24.19
C LYS A 237 -10.54 -10.43 24.43
N PRO A 238 -11.51 -10.97 25.18
CA PRO A 238 -12.82 -10.33 25.30
C PRO A 238 -12.84 -9.13 26.22
N ASN A 239 -11.92 -9.08 27.18
CA ASN A 239 -11.93 -8.02 28.18
C ASN A 239 -11.21 -6.79 27.65
N TRP A 240 -11.89 -5.63 27.72
CA TRP A 240 -11.30 -4.36 27.34
C TRP A 240 -11.98 -3.26 28.13
N GLN A 241 -11.21 -2.22 28.44
CA GLN A 241 -11.69 -1.15 29.30
C GLN A 241 -12.47 -0.12 28.49
N LYS A 242 -13.72 0.12 28.91
CA LYS A 242 -14.58 1.23 28.45
C LYS A 242 -14.84 1.12 26.94
N LEU A 243 -15.58 0.07 26.57
CA LEU A 243 -16.08 -0.08 25.21
C LEU A 243 -17.41 0.63 24.99
N LEU A 244 -17.83 1.48 25.93
CA LEU A 244 -19.09 2.21 25.84
C LEU A 244 -18.91 3.70 25.59
N GLU A 245 -17.78 4.29 25.98
CA GLU A 245 -17.58 5.72 25.90
C GLU A 245 -16.39 6.11 25.03
N THR A 246 -15.51 5.17 24.70
CA THR A 246 -14.27 5.48 23.97
C THR A 246 -14.56 5.91 22.53
N GLY A 247 -15.33 5.11 21.80
CA GLY A 247 -15.67 5.47 20.44
C GLY A 247 -15.16 4.48 19.42
N VAL A 248 -14.98 3.22 19.83
CA VAL A 248 -14.57 2.17 18.90
C VAL A 248 -15.74 1.59 18.13
N TRP A 249 -16.98 2.01 18.44
CA TRP A 249 -18.14 1.52 17.70
C TRP A 249 -18.25 2.16 16.32
N ILE A 250 -17.64 3.32 16.10
CA ILE A 250 -17.61 3.88 14.75
C ILE A 250 -16.62 3.11 13.87
N ASP A 251 -15.63 2.45 14.47
CA ASP A 251 -14.82 1.49 13.72
C ASP A 251 -15.62 0.25 13.35
N ALA A 252 -16.64 -0.09 14.16
CA ALA A 252 -17.54 -1.17 13.80
C ALA A 252 -18.64 -0.68 12.87
N ALA A 253 -19.05 0.58 12.97
CA ALA A 253 -20.09 1.10 12.09
C ALA A 253 -19.56 1.30 10.68
N ALA A 254 -18.31 1.72 10.53
CA ALA A 254 -17.74 1.93 9.21
C ALA A 254 -17.35 0.62 8.55
N GLN A 255 -16.99 -0.40 9.34
CA GLN A 255 -16.56 -1.67 8.77
C GLN A 255 -17.74 -2.47 8.25
N ILE A 256 -18.86 -2.46 8.98
CA ILE A 256 -20.03 -3.25 8.58
C ILE A 256 -20.70 -2.64 7.36
N PHE A 257 -20.80 -1.31 7.30
CA PHE A 257 -21.44 -0.66 6.17
C PHE A 257 -20.56 -0.64 4.92
N PHE A 258 -19.25 -0.88 5.07
CA PHE A 258 -18.38 -1.02 3.90
C PHE A 258 -18.35 -2.46 3.39
N SER A 259 -18.70 -3.43 4.23
CA SER A 259 -18.64 -4.84 3.87
C SER A 259 -19.97 -5.41 3.41
N LEU A 260 -21.07 -5.07 4.08
CA LEU A 260 -22.36 -5.65 3.72
C LEU A 260 -22.93 -5.02 2.46
N GLY A 261 -22.77 -3.71 2.29
CA GLY A 261 -23.43 -3.05 1.18
C GLY A 261 -24.33 -1.83 1.43
N PRO A 262 -25.19 -1.80 2.48
CA PRO A 262 -26.04 -0.62 2.64
C PRO A 262 -25.27 0.61 3.08
N GLY A 263 -25.68 1.76 2.54
CA GLY A 263 -24.98 3.01 2.77
C GLY A 263 -24.41 3.59 1.50
N PHE A 264 -23.88 2.72 0.63
CA PHE A 264 -23.27 3.15 -0.62
C PHE A 264 -24.23 3.10 -1.80
N GLY A 265 -25.49 2.72 -1.59
CA GLY A 265 -26.47 2.71 -2.65
C GLY A 265 -26.28 1.61 -3.68
N VAL A 266 -25.53 0.55 -3.35
CA VAL A 266 -25.31 -0.52 -4.31
C VAL A 266 -26.44 -1.54 -4.28
N LEU A 267 -27.20 -1.61 -3.18
CA LEU A 267 -28.24 -2.63 -3.08
C LEU A 267 -29.54 -2.19 -3.74
N LEU A 268 -29.77 -0.87 -3.86
CA LEU A 268 -30.99 -0.40 -4.49
C LEU A 268 -30.99 -0.62 -6.00
N ALA A 269 -29.80 -0.76 -6.60
CA ALA A 269 -29.69 -1.08 -8.01
C ALA A 269 -29.49 -2.57 -8.26
N PHE A 270 -28.95 -3.30 -7.29
CA PHE A 270 -28.74 -4.73 -7.48
C PHE A 270 -30.05 -5.50 -7.38
N ALA A 271 -30.94 -5.11 -6.46
CA ALA A 271 -32.25 -5.72 -6.38
C ALA A 271 -33.22 -5.22 -7.43
N SER A 272 -32.85 -4.17 -8.17
CA SER A 272 -33.66 -3.67 -9.27
C SER A 272 -33.21 -4.20 -10.62
N TYR A 273 -32.00 -4.76 -10.72
CA TYR A 273 -31.48 -5.24 -11.99
C TYR A 273 -31.82 -6.69 -12.25
N ASN A 274 -32.18 -7.45 -11.23
CA ASN A 274 -32.64 -8.82 -11.38
C ASN A 274 -34.17 -8.86 -11.42
N LYS A 275 -34.73 -10.06 -11.34
CA LYS A 275 -36.17 -10.27 -11.38
C LYS A 275 -36.68 -10.68 -10.00
N PHE A 276 -37.96 -11.06 -9.95
CA PHE A 276 -38.58 -11.50 -8.71
C PHE A 276 -37.97 -12.82 -8.25
N ASN A 277 -37.24 -12.77 -7.13
CA ASN A 277 -36.57 -13.96 -6.61
C ASN A 277 -37.51 -14.79 -5.75
N ASN A 278 -38.44 -14.13 -5.04
CA ASN A 278 -39.43 -14.73 -4.13
C ASN A 278 -38.79 -15.47 -2.95
N ASN A 279 -37.50 -15.21 -2.67
CA ASN A 279 -36.79 -15.83 -1.56
C ASN A 279 -35.88 -14.83 -0.86
N CYS A 280 -36.31 -13.56 -0.80
CA CYS A 280 -35.45 -12.49 -0.28
C CYS A 280 -35.19 -12.60 1.20
N TYR A 281 -36.11 -13.18 1.98
CA TYR A 281 -35.86 -13.37 3.41
C TYR A 281 -34.92 -14.54 3.65
N GLN A 282 -34.88 -15.51 2.74
CA GLN A 282 -34.05 -16.69 2.91
C GLN A 282 -32.71 -16.60 2.17
N ASP A 283 -32.55 -15.65 1.25
CA ASP A 283 -31.28 -15.49 0.56
C ASP A 283 -30.40 -14.42 1.21
N ALA A 284 -31.00 -13.30 1.61
CA ALA A 284 -30.22 -12.22 2.22
C ALA A 284 -29.81 -12.53 3.65
N LEU A 285 -30.54 -13.42 4.34
CA LEU A 285 -30.16 -13.77 5.70
C LEU A 285 -28.94 -14.69 5.70
N VAL A 286 -28.86 -15.60 4.73
CA VAL A 286 -27.69 -16.46 4.63
C VAL A 286 -26.48 -15.66 4.14
N THR A 287 -26.72 -14.69 3.24
CA THR A 287 -25.63 -13.90 2.67
C THR A 287 -25.03 -12.95 3.70
N SER A 288 -25.86 -12.35 4.55
CA SER A 288 -25.36 -11.41 5.55
C SER A 288 -24.60 -12.12 6.67
N VAL A 289 -24.98 -13.35 7.00
CA VAL A 289 -24.24 -14.10 8.02
C VAL A 289 -22.92 -14.60 7.47
N VAL A 290 -22.91 -15.08 6.22
CA VAL A 290 -21.68 -15.62 5.65
C VAL A 290 -20.73 -14.49 5.23
N ASN A 291 -21.23 -13.26 5.10
CA ASN A 291 -20.35 -12.13 4.83
C ASN A 291 -19.48 -11.81 6.04
N CYS A 292 -20.01 -12.01 7.24
CA CYS A 292 -19.19 -11.96 8.44
C CYS A 292 -18.36 -13.22 8.61
N MET A 293 -18.78 -14.33 8.01
CA MET A 293 -18.01 -15.57 8.12
C MET A 293 -16.88 -15.62 7.10
N THR A 294 -17.09 -15.07 5.90
CA THR A 294 -15.99 -14.93 4.96
C THR A 294 -15.01 -13.83 5.36
N SER A 295 -15.39 -12.98 6.31
CA SER A 295 -14.49 -12.00 6.89
C SER A 295 -13.85 -12.47 8.18
N PHE A 296 -14.44 -13.48 8.84
CA PHE A 296 -13.85 -14.03 10.05
C PHE A 296 -12.62 -14.87 9.73
N VAL A 297 -12.62 -15.56 8.58
CA VAL A 297 -11.46 -16.36 8.19
C VAL A 297 -10.32 -15.45 7.75
N SER A 298 -10.62 -14.41 6.98
CA SER A 298 -9.60 -13.45 6.56
C SER A 298 -9.14 -12.57 7.72
N GLY A 299 -9.95 -12.42 8.76
CA GLY A 299 -9.51 -11.77 9.97
C GLY A 299 -8.80 -12.67 10.95
N PHE A 300 -8.59 -13.94 10.58
CA PHE A 300 -7.92 -14.91 11.41
C PHE A 300 -6.57 -15.34 10.84
N VAL A 301 -6.40 -15.27 9.52
CA VAL A 301 -5.11 -15.62 8.91
C VAL A 301 -4.09 -14.51 9.08
N ILE A 302 -4.53 -13.27 9.31
CA ILE A 302 -3.60 -12.15 9.39
C ILE A 302 -2.92 -12.10 10.74
N PHE A 303 -3.68 -12.27 11.83
CA PHE A 303 -3.09 -12.24 13.15
C PHE A 303 -2.32 -13.52 13.48
N THR A 304 -2.52 -14.59 12.70
CA THR A 304 -1.70 -15.78 12.86
C THR A 304 -0.26 -15.51 12.40
N VAL A 305 -0.12 -14.85 11.25
CA VAL A 305 1.20 -14.54 10.73
C VAL A 305 1.85 -13.42 11.51
N LEU A 306 1.05 -12.48 12.05
CA LEU A 306 1.59 -11.43 12.89
C LEU A 306 2.06 -11.95 14.24
N GLY A 307 1.60 -13.14 14.66
CA GLY A 307 2.18 -13.77 15.83
C GLY A 307 3.58 -14.29 15.58
N TYR A 308 3.90 -14.62 14.32
CA TYR A 308 5.25 -15.01 13.97
C TYR A 308 6.22 -13.84 14.04
N MET A 309 5.74 -12.64 13.73
CA MET A 309 6.58 -11.45 13.92
C MET A 309 6.75 -11.15 15.40
N ALA A 310 5.69 -11.33 16.20
CA ALA A 310 5.77 -11.04 17.62
C ALA A 310 6.59 -12.08 18.39
N GLU A 311 6.78 -13.27 17.81
CA GLU A 311 7.54 -14.30 18.51
C GLU A 311 9.04 -14.10 18.36
N MET A 312 9.51 -13.80 17.15
CA MET A 312 10.93 -13.67 16.90
C MET A 312 11.45 -12.25 17.03
N ARG A 313 10.62 -11.31 17.48
CA ARG A 313 11.07 -9.99 17.88
C ARG A 313 11.09 -9.81 19.40
N ASN A 314 10.55 -10.78 20.14
CA ASN A 314 10.44 -10.77 21.61
C ASN A 314 9.69 -9.54 22.11
N GLU A 315 8.63 -9.16 21.38
CA GLU A 315 7.81 -8.00 21.72
C GLU A 315 6.36 -8.42 21.80
N ASP A 316 5.50 -7.47 22.16
CA ASP A 316 4.07 -7.71 22.22
C ASP A 316 3.49 -7.69 20.81
N VAL A 317 2.29 -8.27 20.66
CA VAL A 317 1.63 -8.32 19.37
C VAL A 317 1.19 -6.92 18.93
N SER A 318 0.72 -6.11 19.88
CA SER A 318 0.39 -4.72 19.60
C SER A 318 1.61 -3.83 19.50
N GLU A 319 2.80 -4.36 19.79
CA GLU A 319 4.06 -3.62 19.69
C GLU A 319 4.71 -3.81 18.32
N VAL A 320 4.20 -4.74 17.50
CA VAL A 320 4.79 -5.02 16.20
C VAL A 320 4.58 -3.85 15.24
N ALA A 321 3.33 -3.48 15.02
CA ALA A 321 2.97 -2.37 14.14
C ALA A 321 2.22 -1.34 14.97
N LYS A 322 2.96 -0.45 15.64
CA LYS A 322 2.34 0.51 16.53
C LYS A 322 1.65 1.62 15.75
N ASP A 323 2.31 2.17 14.74
CA ASP A 323 1.80 3.32 14.00
C ASP A 323 1.69 3.04 12.51
N ALA A 324 1.53 1.77 12.13
CA ALA A 324 1.39 1.40 10.72
C ALA A 324 -0.07 1.48 10.33
N GLY A 325 -0.35 2.20 9.24
CA GLY A 325 -1.70 2.50 8.83
C GLY A 325 -2.38 1.39 8.05
N PRO A 326 -3.14 1.75 7.01
CA PRO A 326 -4.06 0.78 6.39
C PRO A 326 -3.40 -0.25 5.49
N SER A 327 -2.08 -0.33 5.52
CA SER A 327 -1.34 -1.29 4.71
C SER A 327 -0.90 -2.52 5.48
N LEU A 328 -1.68 -2.96 6.46
CA LEU A 328 -1.34 -4.16 7.22
C LEU A 328 -1.46 -5.41 6.36
N LEU A 329 -2.34 -5.39 5.35
CA LEU A 329 -2.47 -6.55 4.47
C LEU A 329 -1.25 -6.70 3.57
N PHE A 330 -0.65 -5.60 3.13
CA PHE A 330 0.51 -5.65 2.25
C PHE A 330 1.83 -5.81 3.01
N ILE A 331 1.76 -6.07 4.31
CA ILE A 331 2.93 -6.44 5.10
C ILE A 331 2.80 -7.87 5.64
N THR A 332 1.60 -8.26 6.07
CA THR A 332 1.37 -9.61 6.57
C THR A 332 1.47 -10.64 5.44
N TYR A 333 0.82 -10.36 4.31
CA TYR A 333 1.00 -11.23 3.13
C TYR A 333 2.35 -11.06 2.47
N ALA A 334 3.08 -9.98 2.79
CA ALA A 334 4.42 -9.82 2.26
C ALA A 334 5.39 -10.82 2.87
N GLU A 335 5.23 -11.12 4.16
CA GLU A 335 6.09 -12.07 4.84
C GLU A 335 5.61 -13.51 4.71
N ALA A 336 4.30 -13.72 4.67
CA ALA A 336 3.73 -15.06 4.68
C ALA A 336 3.96 -15.83 3.38
N ILE A 337 4.33 -15.15 2.30
CA ILE A 337 4.65 -15.85 1.05
C ILE A 337 6.11 -16.28 1.02
N ALA A 338 7.01 -15.44 1.55
CA ALA A 338 8.44 -15.73 1.52
C ALA A 338 8.83 -16.88 2.45
N ASN A 339 8.02 -17.19 3.45
CA ASN A 339 8.27 -18.33 4.32
C ASN A 339 7.71 -19.63 3.78
N MET A 340 7.01 -19.59 2.65
CA MET A 340 6.53 -20.81 2.00
C MET A 340 7.64 -21.40 1.13
N PRO A 341 7.62 -22.73 0.90
CA PRO A 341 8.63 -23.34 0.03
C PRO A 341 8.56 -22.87 -1.42
N ALA A 342 7.36 -22.88 -2.01
CA ALA A 342 7.17 -22.40 -3.37
C ALA A 342 6.85 -20.90 -3.31
N SER A 343 7.87 -20.12 -2.98
CA SER A 343 7.69 -18.69 -2.78
C SER A 343 7.59 -17.93 -4.09
N THR A 344 8.20 -18.44 -5.17
CA THR A 344 8.21 -17.72 -6.43
C THR A 344 6.88 -17.82 -7.15
N PHE A 345 6.35 -19.04 -7.28
CA PHE A 345 5.14 -19.26 -8.07
C PHE A 345 3.89 -18.80 -7.32
N PHE A 346 3.84 -19.00 -6.00
CA PHE A 346 2.64 -18.67 -5.25
C PHE A 346 2.47 -17.16 -5.04
N ALA A 347 3.54 -16.38 -5.19
CA ALA A 347 3.39 -14.93 -5.11
C ALA A 347 2.66 -14.38 -6.33
N ILE A 348 2.79 -15.04 -7.47
CA ILE A 348 2.02 -14.66 -8.65
C ILE A 348 0.56 -15.07 -8.48
N ILE A 349 0.32 -16.23 -7.86
CA ILE A 349 -1.03 -16.75 -7.74
C ILE A 349 -1.82 -15.98 -6.68
N PHE A 350 -1.20 -15.75 -5.51
CA PHE A 350 -1.91 -15.15 -4.39
C PHE A 350 -2.20 -13.67 -4.61
N PHE A 351 -1.45 -13.00 -5.48
CA PHE A 351 -1.70 -11.59 -5.76
C PHE A 351 -2.61 -11.36 -6.96
N LEU A 352 -2.55 -12.23 -7.98
CA LEU A 352 -3.45 -12.10 -9.11
C LEU A 352 -4.89 -12.45 -8.73
N MET A 353 -5.07 -13.41 -7.82
CA MET A 353 -6.40 -13.71 -7.31
C MET A 353 -6.92 -12.61 -6.39
N LEU A 354 -6.03 -11.81 -5.80
CA LEU A 354 -6.47 -10.65 -5.04
C LEU A 354 -6.95 -9.53 -5.97
N ILE A 355 -6.45 -9.49 -7.20
CA ILE A 355 -6.88 -8.49 -8.16
C ILE A 355 -8.31 -8.77 -8.63
N THR A 356 -8.58 -10.03 -8.99
CA THR A 356 -9.90 -10.39 -9.48
C THR A 356 -10.95 -10.35 -8.36
N LEU A 357 -10.54 -10.53 -7.12
CA LEU A 357 -11.46 -10.38 -5.99
C LEU A 357 -11.79 -8.91 -5.75
N GLY A 358 -10.89 -7.99 -6.13
CA GLY A 358 -11.14 -6.58 -5.95
C GLY A 358 -11.88 -5.95 -7.10
N LEU A 359 -11.73 -6.51 -8.30
CA LEU A 359 -12.42 -5.96 -9.46
C LEU A 359 -13.91 -6.27 -9.44
N ASP A 360 -14.31 -7.37 -8.80
CA ASP A 360 -15.73 -7.70 -8.73
C ASP A 360 -16.48 -6.74 -7.82
N SER A 361 -15.79 -6.17 -6.83
CA SER A 361 -16.35 -5.10 -6.00
C SER A 361 -16.29 -3.74 -6.68
N THR A 362 -15.71 -3.67 -7.88
CA THR A 362 -15.70 -2.46 -8.69
C THR A 362 -16.53 -2.61 -9.97
N PHE A 363 -16.49 -3.80 -10.60
CA PHE A 363 -17.31 -4.04 -11.79
C PHE A 363 -18.79 -4.03 -11.44
N ALA A 364 -19.14 -4.60 -10.27
CA ALA A 364 -20.49 -4.52 -9.74
C ALA A 364 -20.65 -3.41 -8.72
N GLY A 365 -19.54 -2.78 -8.28
CA GLY A 365 -19.64 -1.66 -7.37
C GLY A 365 -20.10 -0.39 -8.04
N LEU A 366 -19.80 -0.24 -9.33
CA LEU A 366 -20.28 0.91 -10.09
C LEU A 366 -21.74 0.76 -10.52
N GLU A 367 -22.38 -0.38 -10.25
CA GLU A 367 -23.79 -0.54 -10.56
C GLU A 367 -24.66 0.36 -9.69
N GLY A 368 -24.20 0.70 -8.49
CA GLY A 368 -24.95 1.59 -7.62
C GLY A 368 -24.92 3.05 -8.01
N VAL A 369 -24.06 3.43 -8.95
CA VAL A 369 -23.96 4.82 -9.37
C VAL A 369 -24.14 5.01 -10.88
N ILE A 370 -23.88 4.00 -11.71
CA ILE A 370 -24.09 4.16 -13.15
C ILE A 370 -25.53 3.85 -13.53
N THR A 371 -26.07 2.75 -13.00
CA THR A 371 -27.46 2.38 -13.30
C THR A 371 -28.43 3.35 -12.64
N ALA A 372 -28.05 3.94 -11.51
CA ALA A 372 -28.95 4.82 -10.78
C ALA A 372 -29.14 6.17 -11.48
N VAL A 373 -28.11 6.67 -12.16
CA VAL A 373 -28.23 7.95 -12.85
C VAL A 373 -28.82 7.83 -14.24
N LEU A 374 -29.17 6.61 -14.67
CA LEU A 374 -29.84 6.44 -15.96
C LEU A 374 -31.27 6.96 -15.94
N ASP A 375 -31.88 7.09 -14.76
CA ASP A 375 -33.26 7.53 -14.63
C ASP A 375 -33.37 9.04 -14.43
N GLU A 376 -32.40 9.82 -14.90
CA GLU A 376 -32.45 11.26 -14.80
C GLU A 376 -32.36 11.97 -16.14
N PHE A 377 -31.75 11.36 -17.15
CA PHE A 377 -31.72 11.90 -18.51
C PHE A 377 -32.23 10.81 -19.45
N PRO A 378 -33.56 10.67 -19.57
CA PRO A 378 -34.12 9.57 -20.36
C PRO A 378 -34.05 9.82 -21.87
N HIS A 379 -34.09 11.09 -22.27
CA HIS A 379 -34.07 11.45 -23.68
C HIS A 379 -32.67 11.81 -24.17
N VAL A 380 -31.65 11.61 -23.33
CA VAL A 380 -30.31 12.08 -23.64
C VAL A 380 -29.33 10.92 -23.85
N TRP A 381 -29.47 9.81 -23.13
CA TRP A 381 -28.50 8.72 -23.14
C TRP A 381 -28.44 7.94 -24.44
N ALA A 382 -29.35 8.19 -25.40
CA ALA A 382 -29.28 7.52 -26.69
C ALA A 382 -28.09 7.97 -27.50
N LYS A 383 -27.61 9.20 -27.28
CA LYS A 383 -26.39 9.71 -27.90
C LYS A 383 -25.35 10.12 -26.87
N ARG A 384 -25.55 9.79 -25.59
CA ARG A 384 -24.62 10.12 -24.53
C ARG A 384 -23.93 8.91 -23.94
N ARG A 385 -24.39 7.68 -24.29
CA ARG A 385 -23.97 6.46 -23.61
C ARG A 385 -22.49 6.17 -23.79
N GLU A 386 -21.89 6.61 -24.89
CA GLU A 386 -20.44 6.50 -25.04
C GLU A 386 -19.68 7.54 -24.23
N ARG A 387 -20.35 8.60 -23.76
CA ARG A 387 -19.67 9.75 -23.18
C ARG A 387 -19.61 9.71 -21.66
N PHE A 388 -20.76 9.64 -20.99
CA PHE A 388 -20.78 9.85 -19.54
C PHE A 388 -20.22 8.66 -18.77
N VAL A 389 -20.24 7.46 -19.36
CA VAL A 389 -19.55 6.33 -18.75
C VAL A 389 -18.04 6.54 -18.82
N LEU A 390 -17.56 7.08 -19.95
CA LEU A 390 -16.16 7.47 -20.05
C LEU A 390 -15.87 8.71 -19.21
N ALA A 391 -16.85 9.59 -19.04
CA ALA A 391 -16.61 10.85 -18.33
C ALA A 391 -16.51 10.65 -16.83
N VAL A 392 -17.22 9.67 -16.27
CA VAL A 392 -17.16 9.43 -14.83
C VAL A 392 -15.84 8.74 -14.45
N VAL A 393 -15.20 8.03 -15.38
CA VAL A 393 -13.92 7.40 -15.09
C VAL A 393 -12.81 8.44 -15.06
N ILE A 394 -12.82 9.36 -16.02
CA ILE A 394 -11.81 10.42 -16.09
C ILE A 394 -11.98 11.40 -14.93
N THR A 395 -13.23 11.64 -14.52
CA THR A 395 -13.49 12.50 -13.35
C THR A 395 -12.98 11.85 -12.07
N CYS A 396 -13.23 10.55 -11.91
CA CYS A 396 -12.67 9.83 -10.77
C CYS A 396 -11.15 9.64 -10.88
N PHE A 397 -10.60 9.68 -12.09
CA PHE A 397 -9.15 9.60 -12.24
C PHE A 397 -8.49 10.91 -11.82
N PHE A 398 -9.01 12.04 -12.32
CA PHE A 398 -8.45 13.34 -11.96
C PHE A 398 -8.71 13.71 -10.51
N GLY A 399 -9.71 13.11 -9.87
CA GLY A 399 -9.89 13.26 -8.45
C GLY A 399 -9.06 12.34 -7.59
N SER A 400 -8.25 11.49 -8.22
CA SER A 400 -7.41 10.54 -7.51
C SER A 400 -5.92 10.88 -7.55
N LEU A 401 -5.54 11.98 -8.21
CA LEU A 401 -4.14 12.38 -8.24
C LEU A 401 -3.69 13.12 -6.99
N VAL A 402 -4.58 13.31 -6.02
CA VAL A 402 -4.17 13.85 -4.73
C VAL A 402 -3.58 12.75 -3.84
N THR A 403 -3.83 11.48 -4.18
CA THR A 403 -3.34 10.35 -3.41
C THR A 403 -2.48 9.39 -4.20
N LEU A 404 -2.22 9.65 -5.48
CA LEU A 404 -1.19 8.95 -6.23
C LEU A 404 0.17 9.59 -6.09
N THR A 405 0.31 10.57 -5.20
CA THR A 405 1.58 11.26 -4.97
C THR A 405 2.45 10.41 -4.05
N PHE A 406 3.57 10.99 -3.60
CA PHE A 406 4.47 10.26 -2.72
C PHE A 406 3.92 10.15 -1.30
N GLY A 407 3.09 11.12 -0.89
CA GLY A 407 2.41 11.02 0.38
C GLY A 407 1.05 10.36 0.23
N GLY A 408 1.05 9.09 -0.17
CA GLY A 408 -0.21 8.41 -0.45
C GLY A 408 -0.96 8.03 0.81
N ALA A 409 -0.25 7.43 1.77
CA ALA A 409 -0.90 6.97 3.01
C ALA A 409 -1.35 8.11 3.91
N TYR A 410 -0.88 9.33 3.68
CA TYR A 410 -1.36 10.49 4.41
C TYR A 410 -2.72 10.96 3.92
N VAL A 411 -3.15 10.51 2.75
CA VAL A 411 -4.46 10.84 2.22
C VAL A 411 -5.44 9.67 2.35
N VAL A 412 -4.96 8.43 2.22
CA VAL A 412 -5.82 7.24 2.32
C VAL A 412 -6.40 7.11 3.73
N LYS A 413 -5.61 7.44 4.76
CA LYS A 413 -6.12 7.44 6.12
C LYS A 413 -7.14 8.55 6.33
N LEU A 414 -6.94 9.71 5.69
CA LEU A 414 -7.88 10.80 5.81
C LEU A 414 -9.20 10.48 5.12
N LEU A 415 -9.16 9.72 4.03
CA LEU A 415 -10.36 9.27 3.34
C LEU A 415 -10.96 8.00 3.95
N GLU A 416 -10.38 7.48 5.03
CA GLU A 416 -10.92 6.34 5.74
C GLU A 416 -11.61 6.73 7.04
N GLU A 417 -11.01 7.64 7.81
CA GLU A 417 -11.58 8.02 9.09
C GLU A 417 -12.75 8.99 8.93
N TYR A 418 -12.74 9.80 7.87
CA TYR A 418 -13.73 10.85 7.70
C TYR A 418 -14.63 10.69 6.48
N ALA A 419 -14.12 10.14 5.38
CA ALA A 419 -14.94 10.02 4.18
C ALA A 419 -15.79 8.76 4.18
N THR A 420 -15.39 7.72 4.91
CA THR A 420 -16.16 6.49 5.01
C THR A 420 -16.86 6.32 6.35
N GLY A 421 -16.30 6.88 7.42
CA GLY A 421 -16.83 6.70 8.74
C GLY A 421 -18.14 7.42 8.99
N PRO A 422 -18.08 8.75 9.08
CA PRO A 422 -19.31 9.51 9.40
C PRO A 422 -20.20 9.79 8.20
N ALA A 423 -19.60 9.82 7.00
CA ALA A 423 -20.36 10.23 5.81
C ALA A 423 -21.34 9.14 5.38
N VAL A 424 -20.90 7.88 5.37
CA VAL A 424 -21.79 6.78 5.03
C VAL A 424 -22.76 6.52 6.18
N LEU A 425 -22.33 6.77 7.42
CA LEU A 425 -23.18 6.56 8.58
C LEU A 425 -24.32 7.57 8.64
N THR A 426 -24.08 8.81 8.21
CA THR A 426 -25.12 9.82 8.25
C THR A 426 -26.17 9.59 7.18
N VAL A 427 -25.74 9.19 5.98
CA VAL A 427 -26.67 8.91 4.88
C VAL A 427 -27.52 7.69 5.22
N ALA A 428 -26.93 6.69 5.87
CA ALA A 428 -27.70 5.53 6.31
C ALA A 428 -28.67 5.87 7.44
N LEU A 429 -28.40 6.93 8.20
CA LEU A 429 -29.36 7.35 9.24
C LEU A 429 -30.56 8.04 8.61
N ILE A 430 -30.32 8.95 7.65
CA ILE A 430 -31.40 9.66 6.99
C ILE A 430 -32.22 8.71 6.11
N GLU A 431 -31.59 7.66 5.60
CA GLU A 431 -32.30 6.65 4.82
C GLU A 431 -33.27 5.86 5.69
N ALA A 432 -32.95 5.66 6.97
CA ALA A 432 -33.82 4.93 7.88
C ALA A 432 -34.90 5.80 8.49
N VAL A 433 -34.62 7.08 8.75
CA VAL A 433 -35.61 7.96 9.36
C VAL A 433 -36.69 8.35 8.35
N ALA A 434 -36.28 8.67 7.11
CA ALA A 434 -37.22 9.13 6.11
C ALA A 434 -38.14 8.02 5.60
N VAL A 435 -37.76 6.76 5.76
CA VAL A 435 -38.62 5.65 5.34
C VAL A 435 -39.57 5.21 6.44
N SER A 436 -39.29 5.55 7.70
CA SER A 436 -40.09 5.10 8.82
C SER A 436 -40.78 6.23 9.56
N TRP A 437 -40.02 7.26 9.98
CA TRP A 437 -40.62 8.37 10.71
C TRP A 437 -41.45 9.27 9.80
N PHE A 438 -41.19 9.27 8.50
CA PHE A 438 -41.89 10.13 7.56
C PHE A 438 -42.76 9.35 6.57
N TYR A 439 -42.18 8.35 5.90
CA TYR A 439 -42.95 7.56 4.94
C TYR A 439 -43.88 6.57 5.64
N GLY A 440 -43.56 6.17 6.86
CA GLY A 440 -44.43 5.29 7.62
C GLY A 440 -44.17 3.83 7.38
N ILE A 441 -44.18 3.04 8.46
CA ILE A 441 -43.95 1.60 8.35
C ILE A 441 -45.20 0.85 7.93
N THR A 442 -46.35 1.52 7.92
CA THR A 442 -47.61 0.86 7.55
C THR A 442 -47.63 0.56 6.05
N GLN A 443 -47.25 1.54 5.23
CA GLN A 443 -47.20 1.32 3.79
C GLN A 443 -46.05 0.40 3.40
N PHE A 444 -44.94 0.44 4.14
CA PHE A 444 -43.80 -0.41 3.83
C PHE A 444 -44.07 -1.87 4.18
N CYS A 445 -44.89 -2.12 5.20
CA CYS A 445 -45.19 -3.50 5.60
C CYS A 445 -46.07 -4.21 4.57
N ARG A 446 -46.98 -3.48 3.92
CA ARG A 446 -47.81 -4.07 2.89
C ARG A 446 -47.07 -4.27 1.57
N ASP A 447 -45.93 -3.59 1.38
CA ASP A 447 -45.16 -3.75 0.16
C ASP A 447 -44.26 -4.98 0.18
N VAL A 448 -43.92 -5.48 1.38
CA VAL A 448 -43.10 -6.68 1.47
C VAL A 448 -43.94 -7.92 1.18
N LYS A 449 -45.19 -7.94 1.67
CA LYS A 449 -46.07 -9.09 1.50
C LYS A 449 -46.57 -9.24 0.08
N GLU A 450 -46.47 -8.20 -0.75
CA GLU A 450 -46.92 -8.30 -2.14
C GLU A 450 -45.95 -9.12 -2.97
N MET A 451 -44.65 -8.99 -2.71
CA MET A 451 -43.64 -9.73 -3.45
C MET A 451 -43.27 -11.06 -2.82
N LEU A 452 -43.62 -11.29 -1.55
CA LEU A 452 -43.22 -12.50 -0.85
C LEU A 452 -44.40 -13.32 -0.35
N GLY A 453 -45.43 -12.68 0.21
CA GLY A 453 -46.51 -13.40 0.83
C GLY A 453 -46.24 -13.90 2.24
N PHE A 454 -45.07 -13.62 2.78
CA PHE A 454 -44.69 -14.03 4.12
C PHE A 454 -44.55 -12.79 4.99
N SER A 455 -45.16 -12.84 6.18
CA SER A 455 -45.15 -11.68 7.07
C SER A 455 -43.78 -11.53 7.72
N PRO A 456 -43.30 -10.29 7.85
CA PRO A 456 -42.06 -10.07 8.61
C PRO A 456 -42.27 -10.34 10.09
N GLY A 457 -41.18 -10.71 10.76
CA GLY A 457 -41.26 -11.07 12.16
C GLY A 457 -41.49 -9.87 13.06
N TRP A 458 -42.03 -10.16 14.25
CA TRP A 458 -42.25 -9.11 15.24
C TRP A 458 -40.93 -8.58 15.79
N PHE A 459 -39.88 -9.41 15.78
CA PHE A 459 -38.55 -8.94 16.15
C PHE A 459 -37.98 -8.00 15.10
N TRP A 460 -38.40 -8.17 13.83
CA TRP A 460 -37.87 -7.33 12.75
C TRP A 460 -38.56 -5.98 12.68
N ARG A 461 -39.87 -5.93 12.97
CA ARG A 461 -40.64 -4.71 12.78
C ARG A 461 -40.30 -3.62 13.79
N ILE A 462 -39.70 -3.99 14.92
CA ILE A 462 -39.28 -2.98 15.91
C ILE A 462 -37.95 -2.36 15.54
N CYS A 463 -37.21 -2.96 14.59
CA CYS A 463 -35.87 -2.52 14.27
C CYS A 463 -35.86 -1.21 13.47
N TRP A 464 -36.62 -1.16 12.37
CA TRP A 464 -36.51 -0.03 11.45
C TRP A 464 -37.18 1.24 11.97
N VAL A 465 -37.92 1.17 13.08
CA VAL A 465 -38.61 2.35 13.60
C VAL A 465 -38.01 2.86 14.91
N ALA A 466 -37.50 1.98 15.77
CA ALA A 466 -37.01 2.42 17.07
C ALA A 466 -35.59 1.94 17.39
N ILE A 467 -35.22 0.73 16.98
CA ILE A 467 -33.96 0.16 17.41
C ILE A 467 -32.80 0.67 16.55
N SER A 468 -32.90 0.47 15.24
CA SER A 468 -31.82 0.82 14.31
C SER A 468 -31.55 2.32 14.18
N PRO A 469 -32.53 3.24 14.18
CA PRO A 469 -32.16 4.67 14.27
C PRO A 469 -31.63 5.09 15.63
N LEU A 470 -31.75 4.28 16.67
CA LEU A 470 -31.21 4.65 17.98
C LEU A 470 -29.71 4.39 18.04
N PHE A 471 -29.25 3.27 17.49
CA PHE A 471 -27.82 2.97 17.51
C PHE A 471 -27.04 3.85 16.54
N LEU A 472 -27.64 4.24 15.42
CA LEU A 472 -26.93 5.09 14.46
C LEU A 472 -26.79 6.51 14.97
N LEU A 473 -27.74 6.97 15.80
CA LEU A 473 -27.67 8.31 16.36
C LEU A 473 -26.70 8.38 17.53
N PHE A 474 -26.54 7.27 18.27
CA PHE A 474 -25.64 7.27 19.43
C PHE A 474 -24.17 7.31 19.01
N ILE A 475 -23.85 6.76 17.84
CA ILE A 475 -22.46 6.74 17.38
C ILE A 475 -22.04 8.14 16.91
N ILE A 476 -22.94 8.84 16.21
CA ILE A 476 -22.65 10.20 15.77
C ILE A 476 -22.58 11.14 16.97
N CYS A 477 -23.42 10.91 17.98
CA CYS A 477 -23.36 11.68 19.22
C CYS A 477 -22.08 11.39 19.99
N SER A 478 -21.55 10.18 19.87
CA SER A 478 -20.28 9.84 20.49
C SER A 478 -19.07 10.26 19.65
N PHE A 479 -19.29 10.63 18.38
CA PHE A 479 -18.21 11.04 17.51
C PHE A 479 -17.91 12.55 17.60
N LEU A 480 -18.95 13.38 17.71
CA LEU A 480 -18.74 14.82 17.75
C LEU A 480 -18.18 15.27 19.10
N MET A 481 -18.35 14.49 20.15
CA MET A 481 -17.79 14.82 21.46
C MET A 481 -16.36 14.34 21.62
N SER A 482 -16.03 13.16 21.11
CA SER A 482 -14.71 12.57 21.26
C SER A 482 -13.77 13.05 20.16
N PRO A 483 -12.50 13.29 20.49
CA PRO A 483 -11.51 13.65 19.47
C PRO A 483 -11.20 12.47 18.57
N PRO A 484 -11.28 12.65 17.24
CA PRO A 484 -11.06 11.52 16.32
C PRO A 484 -9.59 11.27 15.98
N GLN A 485 -8.67 11.81 16.76
CA GLN A 485 -7.27 11.80 16.37
C GLN A 485 -6.63 10.43 16.58
N LEU A 486 -5.77 10.04 15.62
CA LEU A 486 -5.01 8.81 15.68
C LEU A 486 -3.53 9.10 15.40
N ARG A 487 -2.73 8.06 15.21
CA ARG A 487 -1.30 8.20 14.96
C ARG A 487 -0.88 7.26 13.84
N LEU A 488 -0.02 7.75 12.95
CA LEU A 488 0.33 6.98 11.74
C LEU A 488 1.75 7.30 11.30
N PHE A 489 2.60 6.25 11.27
CA PHE A 489 3.97 6.28 10.73
C PHE A 489 4.84 7.36 11.35
N GLN A 490 4.91 7.35 12.69
CA GLN A 490 5.73 8.26 13.52
C GLN A 490 5.41 9.73 13.24
N TYR A 491 4.13 10.01 12.97
CA TYR A 491 3.67 11.34 12.60
C TYR A 491 2.35 11.54 13.31
N ASN A 492 2.32 12.47 14.28
CA ASN A 492 1.24 12.53 15.27
C ASN A 492 -0.11 12.83 14.64
N TYR A 493 -0.32 14.08 14.18
CA TYR A 493 -1.24 14.63 13.20
C TYR A 493 -1.04 16.14 13.12
N PRO A 494 -1.38 16.76 11.99
CA PRO A 494 -1.52 18.22 11.98
C PRO A 494 -2.88 18.63 12.49
N TYR A 495 -2.93 19.86 13.04
CA TYR A 495 -4.19 20.34 13.62
C TYR A 495 -5.18 20.76 12.53
N TRP A 496 -4.69 21.18 11.37
CA TRP A 496 -5.57 21.62 10.31
C TRP A 496 -6.23 20.47 9.56
N SER A 497 -5.76 19.23 9.74
CA SER A 497 -6.40 18.08 9.13
C SER A 497 -7.69 17.69 9.81
N ILE A 498 -7.87 18.07 11.08
CA ILE A 498 -9.11 17.74 11.79
C ILE A 498 -10.25 18.62 11.27
N ILE A 499 -9.98 19.91 11.04
CA ILE A 499 -10.96 20.80 10.43
C ILE A 499 -11.22 20.40 8.99
N LEU A 500 -10.18 19.92 8.29
CA LEU A 500 -10.37 19.35 6.96
C LEU A 500 -11.15 18.04 7.03
N GLY A 501 -11.05 17.32 8.15
CA GLY A 501 -11.75 16.05 8.26
C GLY A 501 -13.26 16.21 8.39
N TYR A 502 -13.70 17.22 9.13
CA TYR A 502 -15.14 17.48 9.23
C TYR A 502 -15.70 18.13 7.97
N CYS A 503 -14.87 18.80 7.16
CA CYS A 503 -15.34 19.37 5.91
C CYS A 503 -15.64 18.28 4.89
N ILE A 504 -14.87 17.18 4.91
CA ILE A 504 -15.16 16.05 4.05
C ILE A 504 -16.39 15.29 4.55
N GLY A 505 -16.51 15.14 5.87
CA GLY A 505 -17.64 14.46 6.46
C GLY A 505 -18.95 15.20 6.34
N THR A 506 -18.90 16.53 6.16
CA THR A 506 -20.09 17.32 5.91
C THR A 506 -20.20 17.74 4.45
N SER A 507 -19.32 17.24 3.58
CA SER A 507 -19.47 17.48 2.15
C SER A 507 -20.63 16.69 1.57
N SER A 508 -20.93 15.52 2.13
CA SER A 508 -22.11 14.77 1.77
C SER A 508 -23.33 15.18 2.59
N PHE A 509 -23.12 15.75 3.77
CA PHE A 509 -24.23 16.18 4.61
C PHE A 509 -24.86 17.47 4.09
N ILE A 510 -24.11 18.28 3.35
CA ILE A 510 -24.61 19.56 2.88
C ILE A 510 -25.51 19.41 1.67
N CYS A 511 -25.45 18.28 0.96
CA CYS A 511 -26.21 18.11 -0.27
C CYS A 511 -27.69 17.84 -0.04
N ILE A 512 -28.06 17.29 1.13
CA ILE A 512 -29.45 16.92 1.39
C ILE A 512 -30.30 18.15 1.73
N PRO A 513 -29.91 19.12 2.59
CA PRO A 513 -30.72 20.34 2.70
C PRO A 513 -30.62 21.26 1.49
N THR A 514 -29.67 21.03 0.57
CA THR A 514 -29.60 21.82 -0.64
C THR A 514 -30.79 21.55 -1.55
N TYR A 515 -31.16 20.28 -1.70
CA TYR A 515 -32.32 19.94 -2.53
C TYR A 515 -33.63 20.28 -1.82
N ILE A 516 -33.65 20.26 -0.49
CA ILE A 516 -34.84 20.63 0.25
C ILE A 516 -35.09 22.13 0.13
N ALA A 517 -34.03 22.94 0.22
CA ALA A 517 -34.14 24.36 -0.03
C ALA A 517 -34.43 24.68 -1.49
N TYR A 518 -34.11 23.76 -2.40
CA TYR A 518 -34.51 23.93 -3.80
C TYR A 518 -36.01 23.78 -3.97
N ARG A 519 -36.66 23.00 -3.12
CA ARG A 519 -38.11 22.83 -3.15
C ARG A 519 -38.84 23.81 -2.25
N LEU A 520 -38.17 24.87 -1.81
CA LEU A 520 -38.78 25.83 -0.90
C LEU A 520 -39.68 26.81 -1.65
N ILE A 521 -39.09 27.60 -2.56
CA ILE A 521 -39.81 28.69 -3.19
C ILE A 521 -40.45 28.29 -4.50
N ILE A 522 -40.10 27.12 -5.06
CA ILE A 522 -40.64 26.72 -6.34
C ILE A 522 -42.09 26.26 -6.24
N THR A 523 -42.56 25.93 -5.04
CA THR A 523 -43.95 25.55 -4.90
C THR A 523 -44.76 26.71 -4.35
N PRO A 524 -46.00 26.91 -4.81
CA PRO A 524 -46.85 27.96 -4.25
C PRO A 524 -47.67 27.47 -3.07
N GLY A 525 -48.22 28.42 -2.33
CA GLY A 525 -49.12 28.16 -1.24
C GLY A 525 -48.55 28.57 0.10
N THR A 526 -49.28 28.21 1.15
CA THR A 526 -48.89 28.49 2.52
C THR A 526 -47.72 27.58 2.90
N PHE A 527 -46.89 28.06 3.85
CA PHE A 527 -45.71 27.32 4.31
C PHE A 527 -46.09 25.97 4.92
N LYS A 528 -47.26 25.89 5.57
CA LYS A 528 -47.74 24.59 6.04
C LYS A 528 -48.38 23.78 4.93
N GLU A 529 -48.74 24.41 3.81
CA GLU A 529 -49.34 23.70 2.68
C GLU A 529 -48.31 23.22 1.67
N ARG A 530 -47.16 23.89 1.59
CA ARG A 530 -46.12 23.48 0.64
C ARG A 530 -45.42 22.21 1.08
N ILE A 531 -45.43 21.89 2.37
CA ILE A 531 -44.69 20.74 2.87
C ILE A 531 -45.42 19.45 2.51
N ILE A 532 -46.74 19.42 2.68
CA ILE A 532 -47.53 18.22 2.40
C ILE A 532 -47.57 17.95 0.89
N LYS A 533 -47.61 19.01 0.09
CA LYS A 533 -47.53 18.84 -1.36
C LYS A 533 -46.15 18.41 -1.82
N SER A 534 -45.11 18.63 -1.02
CA SER A 534 -43.77 18.24 -1.37
C SER A 534 -43.46 16.80 -0.97
N ILE A 535 -43.98 16.34 0.17
CA ILE A 535 -43.73 14.98 0.63
C ILE A 535 -44.74 13.98 0.06
N THR A 536 -45.71 14.44 -0.71
CA THR A 536 -46.66 13.53 -1.35
C THR A 536 -45.97 12.80 -2.49
N PRO A 537 -46.09 11.48 -2.58
CA PRO A 537 -45.46 10.74 -3.68
C PRO A 537 -46.10 11.05 -5.03
N GLU A 538 -45.40 10.64 -6.08
CA GLU A 538 -45.79 10.95 -7.44
C GLU A 538 -47.00 10.12 -7.88
N THR A 539 -47.56 10.49 -9.02
CA THR A 539 -48.70 9.80 -9.60
C THR A 539 -48.34 9.33 -11.01
N PRO A 540 -48.47 8.03 -11.32
CA PRO A 540 -48.17 7.48 -12.66
C PRO A 540 -49.12 7.99 -13.74
N GLN B 1 34.62 2.25 14.49
CA GLN B 1 35.89 1.69 14.07
C GLN B 1 35.75 0.21 13.74
N VAL B 2 35.87 -0.13 12.46
CA VAL B 2 35.75 -1.50 11.98
C VAL B 2 37.09 -1.90 11.39
N GLN B 3 37.70 -2.95 11.96
CA GLN B 3 38.96 -3.45 11.45
C GLN B 3 38.75 -4.18 10.14
N LEU B 4 39.63 -3.89 9.16
CA LEU B 4 39.55 -4.54 7.85
C LEU B 4 40.96 -4.65 7.32
N GLN B 5 41.49 -5.87 7.31
CA GLN B 5 42.84 -6.13 6.81
C GLN B 5 42.78 -7.07 5.62
N GLN B 6 43.91 -7.21 4.95
CA GLN B 6 44.04 -8.04 3.76
C GLN B 6 45.22 -8.99 3.92
N SER B 7 45.56 -9.69 2.83
CA SER B 7 46.69 -10.59 2.81
C SER B 7 47.93 -9.85 2.28
N GLY B 8 49.02 -10.58 2.08
CA GLY B 8 50.25 -9.99 1.60
C GLY B 8 50.34 -10.00 0.09
N PRO B 9 51.39 -9.38 -0.44
CA PRO B 9 51.59 -9.40 -1.90
C PRO B 9 51.98 -10.78 -2.40
N GLU B 10 51.59 -11.07 -3.64
CA GLU B 10 51.83 -12.37 -4.25
C GLU B 10 52.41 -12.18 -5.64
N LEU B 11 53.09 -13.21 -6.11
CA LEU B 11 53.68 -13.22 -7.45
C LEU B 11 52.67 -13.72 -8.48
N VAL B 12 52.88 -13.34 -9.73
CA VAL B 12 51.96 -13.65 -10.81
C VAL B 12 52.68 -14.49 -11.85
N LYS B 13 52.16 -15.69 -12.11
CA LYS B 13 52.56 -16.50 -13.25
C LYS B 13 51.61 -16.26 -14.40
N LEU B 14 52.06 -16.62 -15.61
CA LEU B 14 51.27 -16.36 -16.81
C LEU B 14 50.11 -17.34 -16.90
N GLY B 15 48.89 -16.82 -16.72
CA GLY B 15 47.71 -17.65 -16.82
C GLY B 15 47.42 -18.51 -15.61
N ALA B 16 47.94 -18.14 -14.44
CA ALA B 16 47.74 -18.93 -13.23
C ALA B 16 46.45 -18.51 -12.53
N SER B 17 46.26 -18.96 -11.29
CA SER B 17 45.09 -18.62 -10.50
C SER B 17 45.54 -18.15 -9.12
N VAL B 18 44.92 -17.08 -8.64
CA VAL B 18 45.29 -16.48 -7.36
C VAL B 18 44.14 -16.58 -6.38
N ARG B 19 44.37 -16.15 -5.14
CA ARG B 19 43.35 -16.20 -4.09
C ARG B 19 43.67 -15.11 -3.09
N ILE B 20 42.89 -14.02 -3.11
CA ILE B 20 43.12 -12.86 -2.25
C ILE B 20 42.17 -12.92 -1.08
N SER B 21 42.73 -12.87 0.14
CA SER B 21 41.94 -12.89 1.35
C SER B 21 41.52 -11.49 1.75
N CYS B 22 40.39 -11.40 2.46
CA CYS B 22 39.88 -10.11 2.92
C CYS B 22 39.16 -10.35 4.25
N LYS B 23 39.88 -10.13 5.35
CA LYS B 23 39.35 -10.38 6.69
C LYS B 23 38.84 -9.08 7.29
N ALA B 24 37.64 -9.12 7.86
CA ALA B 24 37.05 -7.97 8.53
C ALA B 24 36.08 -8.45 9.59
N SER B 25 36.19 -7.87 10.79
CA SER B 25 35.31 -8.23 11.90
C SER B 25 34.90 -6.94 12.61
N GLY B 26 34.27 -7.10 13.77
CA GLY B 26 33.76 -5.95 14.50
C GLY B 26 32.56 -5.29 13.86
N TYR B 27 31.83 -6.01 13.02
CA TYR B 27 30.72 -5.46 12.25
C TYR B 27 29.88 -6.63 11.75
N ARG B 28 28.60 -6.35 11.49
CA ARG B 28 27.70 -7.35 10.94
C ARG B 28 28.14 -7.71 9.52
N PHE B 29 28.65 -8.93 9.35
CA PHE B 29 29.29 -9.29 8.09
C PHE B 29 28.27 -9.52 6.99
N SER B 30 27.22 -10.29 7.28
CA SER B 30 26.18 -10.57 6.28
C SER B 30 25.09 -9.50 6.31
N TYR B 31 25.52 -8.26 6.09
CA TYR B 31 24.62 -7.11 6.15
C TYR B 31 24.79 -6.20 4.95
N SER B 32 25.99 -6.18 4.37
CA SER B 32 26.31 -5.23 3.31
C SER B 32 27.16 -5.91 2.24
N TRP B 33 27.33 -5.22 1.13
CA TRP B 33 28.11 -5.73 0.01
C TRP B 33 29.61 -5.61 0.31
N MET B 34 30.41 -6.17 -0.59
CA MET B 34 31.87 -6.04 -0.53
C MET B 34 32.36 -5.63 -1.91
N ASN B 35 33.04 -4.49 -1.98
CA ASN B 35 33.52 -3.97 -3.24
C ASN B 35 34.90 -4.53 -3.57
N TRP B 36 35.17 -4.67 -4.87
CA TRP B 36 36.48 -5.06 -5.38
C TRP B 36 36.88 -4.07 -6.44
N VAL B 37 37.88 -3.24 -6.14
CA VAL B 37 38.29 -2.14 -7.00
C VAL B 37 39.64 -2.49 -7.62
N LYS B 38 39.73 -2.38 -8.95
CA LYS B 38 40.97 -2.59 -9.68
C LYS B 38 41.60 -1.24 -10.02
N GLN B 39 42.88 -1.10 -9.73
CA GLN B 39 43.62 0.13 -10.04
C GLN B 39 44.99 -0.25 -10.60
N ARG B 40 45.20 0.03 -11.87
CA ARG B 40 46.53 -0.10 -12.45
C ARG B 40 47.41 1.05 -12.01
N PRO B 41 48.73 0.83 -11.90
CA PRO B 41 49.64 1.92 -11.49
C PRO B 41 49.75 3.02 -12.53
N GLY B 42 49.20 4.19 -12.21
CA GLY B 42 49.21 5.30 -13.15
C GLY B 42 47.83 5.61 -13.71
N LYS B 43 47.03 4.57 -13.91
CA LYS B 43 45.69 4.72 -14.48
C LYS B 43 44.71 5.10 -13.38
N GLY B 44 43.43 5.16 -13.73
CA GLY B 44 42.39 5.49 -12.77
C GLY B 44 41.91 4.28 -11.99
N LEU B 45 40.63 4.25 -11.67
CA LEU B 45 40.02 3.14 -10.94
C LEU B 45 39.14 2.31 -11.86
N GLU B 46 38.77 1.13 -11.37
CA GLU B 46 37.92 0.22 -12.13
C GLU B 46 37.22 -0.71 -11.17
N TRP B 47 35.90 -0.89 -11.35
CA TRP B 47 35.12 -1.78 -10.52
C TRP B 47 35.10 -3.18 -11.13
N ILE B 48 35.21 -4.19 -10.27
CA ILE B 48 35.24 -5.57 -10.73
C ILE B 48 33.90 -6.23 -10.48
N GLY B 49 33.51 -6.31 -9.20
CA GLY B 49 32.29 -6.98 -8.85
C GLY B 49 31.90 -6.73 -7.42
N ARG B 50 30.92 -7.50 -6.96
CA ARG B 50 30.43 -7.40 -5.60
C ARG B 50 29.85 -8.73 -5.19
N ILE B 51 29.79 -8.97 -3.88
CA ILE B 51 29.22 -10.19 -3.33
C ILE B 51 28.61 -9.88 -1.97
N TYR B 52 27.39 -10.38 -1.76
CA TYR B 52 26.70 -10.30 -0.48
C TYR B 52 26.89 -11.60 0.28
N PRO B 53 27.25 -11.57 1.55
CA PRO B 53 27.54 -12.80 2.28
C PRO B 53 26.27 -13.62 2.55
N GLY B 54 26.50 -14.89 2.89
CA GLY B 54 25.40 -15.82 3.01
C GLY B 54 24.96 -16.42 1.70
N ASP B 55 25.86 -16.49 0.72
CA ASP B 55 25.60 -16.95 -0.66
C ASP B 55 24.45 -16.17 -1.30
N GLY B 56 24.45 -14.85 -1.05
CA GLY B 56 23.36 -14.01 -1.50
C GLY B 56 23.31 -13.77 -3.00
N ASP B 57 24.26 -13.01 -3.53
CA ASP B 57 24.20 -12.59 -4.92
C ASP B 57 25.58 -12.06 -5.34
N THR B 58 25.94 -12.31 -6.60
CA THR B 58 27.17 -11.79 -7.19
C THR B 58 26.83 -11.08 -8.49
N LYS B 59 27.19 -9.81 -8.57
CA LYS B 59 27.03 -9.02 -9.80
C LYS B 59 28.41 -8.61 -10.30
N TYR B 60 28.66 -8.82 -11.58
CA TYR B 60 29.94 -8.51 -12.19
C TYR B 60 29.78 -7.36 -13.19
N SER B 61 30.90 -6.69 -13.47
CA SER B 61 30.88 -5.54 -14.36
C SER B 61 30.73 -5.94 -15.82
N GLY B 62 31.16 -7.14 -16.18
CA GLY B 62 31.12 -7.58 -17.56
C GLY B 62 32.50 -7.92 -18.08
N LYS B 63 33.51 -7.14 -17.66
CA LYS B 63 34.88 -7.44 -18.04
C LYS B 63 35.43 -8.63 -17.29
N PHE B 64 34.85 -8.97 -16.14
CA PHE B 64 35.29 -10.11 -15.33
C PHE B 64 34.11 -11.05 -15.07
N LYS B 65 33.31 -11.30 -16.11
CA LYS B 65 32.13 -12.15 -15.94
C LYS B 65 32.51 -13.62 -15.79
N GLY B 66 33.53 -14.06 -16.51
CA GLY B 66 34.01 -15.42 -16.39
C GLY B 66 35.45 -15.49 -15.91
N LYS B 67 36.04 -14.33 -15.64
CA LYS B 67 37.43 -14.26 -15.19
C LYS B 67 37.56 -14.15 -13.67
N ALA B 68 36.56 -13.65 -12.98
CA ALA B 68 36.59 -13.49 -11.53
C ALA B 68 35.55 -14.39 -10.89
N THR B 69 35.88 -14.89 -9.70
CA THR B 69 34.98 -15.75 -8.94
C THR B 69 35.01 -15.31 -7.49
N LEU B 70 33.85 -14.97 -6.95
CA LEU B 70 33.73 -14.46 -5.58
C LEU B 70 33.04 -15.49 -4.70
N THR B 71 33.63 -15.77 -3.55
CA THR B 71 33.05 -16.65 -2.55
C THR B 71 32.90 -15.91 -1.23
N ALA B 72 32.01 -16.42 -0.38
CA ALA B 72 31.72 -15.80 0.90
C ALA B 72 31.68 -16.87 1.98
N ASP B 73 31.84 -16.43 3.23
CA ASP B 73 31.81 -17.34 4.37
C ASP B 73 31.39 -16.53 5.59
N LYS B 74 30.21 -16.85 6.14
CA LYS B 74 29.72 -16.15 7.32
C LYS B 74 30.44 -16.58 8.59
N SER B 75 31.07 -17.75 8.60
CA SER B 75 31.76 -18.23 9.79
C SER B 75 33.10 -17.53 9.97
N SER B 76 33.94 -17.55 8.95
CA SER B 76 35.26 -16.94 9.02
C SER B 76 35.23 -15.43 8.77
N SER B 77 34.09 -14.90 8.30
CA SER B 77 33.91 -13.49 7.96
C SER B 77 34.92 -12.99 6.93
N THR B 78 35.27 -13.87 5.98
CA THR B 78 36.23 -13.56 4.93
C THR B 78 35.60 -13.81 3.57
N VAL B 79 36.05 -13.05 2.57
CA VAL B 79 35.67 -13.25 1.19
C VAL B 79 36.93 -13.48 0.37
N TYR B 80 36.76 -14.14 -0.78
CA TYR B 80 37.87 -14.53 -1.63
C TYR B 80 37.55 -14.15 -3.07
N MET B 81 38.56 -13.71 -3.81
CA MET B 81 38.42 -13.33 -5.21
C MET B 81 39.36 -14.20 -6.04
N GLN B 82 38.79 -15.20 -6.71
CA GLN B 82 39.57 -16.12 -7.54
C GLN B 82 39.65 -15.55 -8.95
N LEU B 83 40.85 -15.25 -9.41
CA LEU B 83 41.07 -14.75 -10.76
C LEU B 83 41.66 -15.83 -11.64
N SER B 84 41.36 -15.75 -12.93
CA SER B 84 41.83 -16.71 -13.92
C SER B 84 42.17 -15.97 -15.21
N SER B 85 42.90 -16.66 -16.08
CA SER B 85 43.41 -16.16 -17.36
C SER B 85 44.23 -14.88 -17.17
N LEU B 86 45.35 -15.03 -16.45
CA LEU B 86 46.20 -13.90 -16.12
C LEU B 86 46.96 -13.41 -17.34
N THR B 87 47.31 -12.13 -17.32
CA THR B 87 48.00 -11.49 -18.42
C THR B 87 48.90 -10.39 -17.85
N SER B 88 49.48 -9.58 -18.74
CA SER B 88 50.35 -8.49 -18.32
C SER B 88 49.59 -7.29 -17.77
N GLU B 89 48.27 -7.23 -17.96
CA GLU B 89 47.47 -6.12 -17.47
C GLU B 89 46.80 -6.40 -16.13
N ASP B 90 46.63 -7.66 -15.77
CA ASP B 90 45.95 -8.01 -14.53
C ASP B 90 46.79 -7.75 -13.28
N SER B 91 48.12 -7.71 -13.43
CA SER B 91 49.01 -7.49 -12.29
C SER B 91 48.94 -6.03 -11.89
N ALA B 92 48.19 -5.75 -10.82
CA ALA B 92 47.99 -4.38 -10.35
C ALA B 92 47.62 -4.45 -8.87
N VAL B 93 47.14 -3.32 -8.34
CA VAL B 93 46.73 -3.22 -6.94
C VAL B 93 45.23 -3.43 -6.86
N TYR B 94 44.79 -4.38 -6.06
CA TYR B 94 43.39 -4.68 -5.86
C TYR B 94 42.97 -4.28 -4.45
N PHE B 95 41.75 -3.77 -4.31
CA PHE B 95 41.22 -3.33 -3.03
C PHE B 95 39.98 -4.14 -2.67
N CYS B 96 39.68 -4.15 -1.38
CA CYS B 96 38.52 -4.85 -0.83
C CYS B 96 37.78 -3.89 0.09
N ALA B 97 36.82 -3.17 -0.45
CA ALA B 97 36.10 -2.14 0.29
C ALA B 97 34.73 -2.65 0.73
N ARG B 98 34.31 -2.22 1.92
CA ARG B 98 32.97 -2.51 2.40
C ARG B 98 32.00 -1.42 1.95
N SER B 99 30.83 -1.83 1.51
CA SER B 99 29.82 -0.89 1.04
C SER B 99 29.12 -0.22 2.23
N ALA B 100 28.15 0.63 1.92
CA ALA B 100 27.42 1.33 2.96
C ALA B 100 26.42 0.39 3.64
N TYR B 101 25.84 0.88 4.73
CA TYR B 101 24.90 0.12 5.54
C TYR B 101 23.47 0.20 5.02
N GLY B 102 23.24 0.75 3.84
CA GLY B 102 21.88 1.09 3.47
C GLY B 102 21.70 2.12 2.39
N SER B 103 20.96 3.18 2.74
CA SER B 103 20.27 4.13 1.86
C SER B 103 21.09 4.77 0.74
N GLU B 104 22.41 4.74 0.81
CA GLU B 104 23.16 5.36 -0.29
C GLU B 104 23.97 4.37 -1.12
N GLY B 105 24.78 3.54 -0.50
CA GLY B 105 25.65 2.65 -1.23
C GLY B 105 27.07 3.14 -1.38
N PHE B 106 27.55 4.00 -0.49
CA PHE B 106 28.90 4.54 -0.55
C PHE B 106 29.89 3.56 0.07
N ALA B 107 31.14 3.99 0.22
CA ALA B 107 32.17 3.25 0.93
C ALA B 107 32.40 3.91 2.28
N MET B 108 32.43 3.11 3.34
CA MET B 108 32.40 3.59 4.71
C MET B 108 33.79 3.82 5.29
N ASP B 109 34.77 4.21 4.46
CA ASP B 109 36.19 4.34 4.82
C ASP B 109 36.76 3.05 5.36
N TYR B 110 36.28 1.92 4.85
CA TYR B 110 36.68 0.60 5.31
C TYR B 110 37.40 -0.05 4.13
N TRP B 111 38.69 0.24 4.02
CA TRP B 111 39.51 -0.13 2.87
C TRP B 111 40.72 -0.92 3.36
N GLY B 112 41.30 -1.69 2.45
CA GLY B 112 42.49 -2.46 2.73
C GLY B 112 43.76 -1.74 2.29
N GLN B 113 44.88 -2.34 2.63
CA GLN B 113 46.18 -1.78 2.25
C GLN B 113 46.52 -2.03 0.79
N GLY B 114 45.84 -2.97 0.14
CA GLY B 114 46.07 -3.22 -1.27
C GLY B 114 46.96 -4.41 -1.54
N THR B 115 46.37 -5.54 -1.92
CA THR B 115 47.12 -6.74 -2.27
C THR B 115 47.67 -6.56 -3.68
N SER B 116 48.82 -5.90 -3.76
CA SER B 116 49.48 -5.65 -5.03
C SER B 116 50.11 -6.95 -5.54
N VAL B 117 49.68 -7.39 -6.71
CA VAL B 117 50.21 -8.61 -7.33
C VAL B 117 50.99 -8.22 -8.57
N THR B 118 52.07 -8.96 -8.83
CA THR B 118 52.96 -8.67 -9.93
C THR B 118 53.74 -9.91 -10.37
N ASP C 1 26.01 -0.72 -18.01
CA ASP C 1 27.31 -0.07 -18.06
C ASP C 1 27.19 1.40 -18.46
N ILE C 2 26.63 2.20 -17.57
CA ILE C 2 26.46 3.63 -17.84
C ILE C 2 27.79 4.32 -17.61
N VAL C 3 28.35 4.90 -18.67
CA VAL C 3 29.66 5.54 -18.58
C VAL C 3 29.52 6.91 -17.92
N LEU C 4 30.64 7.46 -17.50
CA LEU C 4 30.68 8.76 -16.84
C LEU C 4 32.04 9.40 -17.11
N THR C 5 32.01 10.67 -17.50
CA THR C 5 33.22 11.45 -17.75
C THR C 5 33.21 12.70 -16.88
N GLN C 6 34.37 13.05 -16.34
CA GLN C 6 34.54 14.28 -15.58
C GLN C 6 34.99 15.39 -16.51
N SER C 7 34.29 16.53 -16.43
CA SER C 7 34.51 17.63 -17.38
C SER C 7 35.83 18.40 -17.25
N PRO C 8 36.45 18.62 -16.08
CA PRO C 8 37.81 19.15 -16.09
C PRO C 8 38.82 18.01 -16.24
N ALA C 9 40.10 18.40 -16.28
CA ALA C 9 41.20 17.44 -16.29
C ALA C 9 42.12 17.63 -15.10
N SER C 10 42.56 18.86 -14.84
CA SER C 10 43.43 19.17 -13.71
C SER C 10 43.31 20.65 -13.39
N LEU C 11 43.37 20.98 -12.11
CA LEU C 11 43.24 22.35 -11.65
C LEU C 11 44.52 22.80 -10.95
N ALA C 12 44.67 24.11 -10.83
CA ALA C 12 45.84 24.69 -10.19
C ALA C 12 45.62 24.84 -8.69
N VAL C 13 46.68 25.21 -7.98
CA VAL C 13 46.64 25.41 -6.53
C VAL C 13 46.68 26.91 -6.26
N SER C 14 45.63 27.41 -5.63
CA SER C 14 45.57 28.80 -5.18
C SER C 14 44.64 28.84 -3.97
N LEU C 15 45.18 29.31 -2.84
CA LEU C 15 44.47 29.20 -1.57
C LEU C 15 43.27 30.13 -1.51
N GLY C 16 42.12 29.58 -1.17
CA GLY C 16 40.91 30.37 -1.06
C GLY C 16 40.24 30.67 -2.39
N GLN C 17 40.13 29.69 -3.27
CA GLN C 17 39.53 29.87 -4.58
C GLN C 17 38.53 28.76 -4.86
N ARG C 18 37.83 28.89 -5.98
CA ARG C 18 36.78 27.94 -6.37
C ARG C 18 37.39 26.80 -7.17
N ALA C 19 36.99 25.57 -6.84
CA ALA C 19 37.38 24.39 -7.58
C ALA C 19 36.17 23.47 -7.68
N THR C 20 35.57 23.38 -8.87
CA THR C 20 34.38 22.58 -9.09
C THR C 20 34.66 21.49 -10.12
N ILE C 21 34.09 20.32 -9.88
CA ILE C 21 34.22 19.17 -10.78
C ILE C 21 32.82 18.59 -10.99
N SER C 22 32.40 18.48 -12.24
CA SER C 22 31.10 17.92 -12.59
C SER C 22 31.26 16.51 -13.15
N CYS C 23 30.13 15.81 -13.23
CA CYS C 23 30.10 14.43 -13.71
C CYS C 23 29.10 14.32 -14.84
N ARG C 24 29.26 13.29 -15.67
CA ARG C 24 28.40 13.06 -16.82
C ARG C 24 27.26 12.13 -16.44
N ALA C 25 26.03 12.59 -16.64
CA ALA C 25 24.82 11.84 -16.33
C ALA C 25 23.83 11.91 -17.48
N SER C 26 24.32 11.60 -18.69
CA SER C 26 23.50 11.69 -19.90
C SER C 26 22.36 10.69 -19.89
N GLU C 27 22.56 9.49 -19.33
CA GLU C 27 21.48 8.58 -19.01
C GLU C 27 21.65 8.16 -17.55
N SER C 28 21.21 9.03 -16.65
CA SER C 28 21.29 8.80 -15.21
C SER C 28 20.40 9.78 -14.46
N VAL C 29 19.45 9.27 -13.68
CA VAL C 29 18.68 10.06 -12.74
C VAL C 29 18.79 9.40 -11.37
N ASP C 30 18.08 9.96 -10.40
CA ASP C 30 18.00 9.39 -9.06
C ASP C 30 16.61 8.84 -8.82
N ASN C 31 16.52 7.74 -8.08
CA ASN C 31 15.27 7.03 -7.92
C ASN C 31 14.54 7.32 -6.62
N TYR C 32 15.26 7.70 -5.55
CA TYR C 32 14.59 7.84 -4.26
C TYR C 32 14.98 9.13 -3.54
N GLY C 33 15.15 10.22 -4.28
CA GLY C 33 15.37 11.52 -3.66
C GLY C 33 16.79 11.77 -3.21
N ILE C 34 17.30 10.90 -2.33
CA ILE C 34 18.69 10.97 -1.89
C ILE C 34 19.56 10.60 -3.08
N SER C 35 20.35 11.57 -3.57
CA SER C 35 21.01 11.47 -4.86
C SER C 35 22.13 10.44 -4.84
N PHE C 36 22.00 9.41 -5.69
CA PHE C 36 23.00 8.36 -5.75
C PHE C 36 24.28 8.85 -6.43
N LEU C 37 25.23 9.34 -5.63
CA LEU C 37 26.50 9.84 -6.14
C LEU C 37 27.50 9.83 -5.01
N ASN C 38 28.77 9.59 -5.35
CA ASN C 38 29.83 9.54 -4.36
C ASN C 38 31.03 10.35 -4.82
N TRP C 39 31.90 10.65 -3.85
CA TRP C 39 33.14 11.38 -4.10
C TRP C 39 34.23 10.76 -3.23
N PHE C 40 35.46 10.74 -3.76
CA PHE C 40 36.54 10.03 -3.09
C PHE C 40 37.85 10.79 -3.19
N GLN C 41 38.57 10.88 -2.09
CA GLN C 41 39.97 11.28 -2.08
C GLN C 41 40.85 10.06 -2.31
N GLN C 42 42.02 10.29 -2.93
CA GLN C 42 43.04 9.27 -3.02
C GLN C 42 44.39 9.96 -3.16
N LYS C 43 45.16 9.96 -2.07
CA LYS C 43 46.54 10.41 -2.14
C LYS C 43 47.39 9.38 -2.89
N PRO C 44 48.47 9.81 -3.53
CA PRO C 44 49.34 8.85 -4.25
C PRO C 44 50.03 7.89 -3.29
N GLY C 45 49.74 6.60 -3.45
CA GLY C 45 50.27 5.57 -2.58
C GLY C 45 49.31 5.10 -1.50
N GLN C 46 48.28 5.89 -1.20
CA GLN C 46 47.28 5.66 -0.17
C GLN C 46 46.03 5.02 -0.76
N PRO C 47 45.30 4.23 0.02
CA PRO C 47 44.01 3.70 -0.46
C PRO C 47 42.97 4.80 -0.55
N PRO C 48 41.92 4.61 -1.37
CA PRO C 48 40.92 5.67 -1.51
C PRO C 48 40.09 5.88 -0.25
N LYS C 49 39.78 7.14 0.02
CA LYS C 49 39.04 7.56 1.20
C LYS C 49 37.78 8.31 0.78
N LEU C 50 36.68 8.06 1.48
CA LEU C 50 35.42 8.73 1.18
C LEU C 50 35.52 10.22 1.47
N LEU C 51 35.00 11.03 0.55
CA LEU C 51 34.95 12.47 0.72
C LEU C 51 33.53 12.98 0.95
N ILE C 52 32.61 12.73 0.02
CA ILE C 52 31.23 13.16 0.12
C ILE C 52 30.35 12.02 -0.37
N TYR C 53 29.46 11.53 0.47
CA TYR C 53 28.45 10.57 0.06
C TYR C 53 27.12 11.28 -0.15
N ALA C 54 26.34 10.77 -1.10
CA ALA C 54 25.00 11.22 -1.48
C ALA C 54 24.98 12.65 -2.04
N ALA C 55 26.15 13.21 -2.39
CA ALA C 55 26.33 14.51 -3.05
C ALA C 55 25.83 15.72 -2.28
N SER C 56 25.33 15.53 -1.05
CA SER C 56 24.90 16.65 -0.23
C SER C 56 25.29 16.53 1.23
N ASN C 57 25.71 15.36 1.70
CA ASN C 57 26.03 15.14 3.11
C ASN C 57 27.53 15.17 3.32
N GLN C 58 27.94 15.69 4.48
CA GLN C 58 29.35 15.73 4.83
C GLN C 58 29.83 14.33 5.19
N GLY C 59 31.04 13.99 4.76
CA GLY C 59 31.59 12.69 5.02
C GLY C 59 31.97 12.48 6.48
N SER C 60 32.30 11.23 6.80
CA SER C 60 32.66 10.85 8.16
C SER C 60 34.06 11.32 8.48
N GLY C 61 34.18 12.32 9.35
CA GLY C 61 35.45 12.85 9.77
C GLY C 61 36.02 13.95 8.89
N VAL C 62 35.48 14.13 7.70
CA VAL C 62 35.98 15.17 6.79
C VAL C 62 35.45 16.52 7.25
N PRO C 63 36.30 17.55 7.38
CA PRO C 63 35.82 18.87 7.81
C PRO C 63 34.97 19.59 6.77
N ALA C 64 34.59 20.83 7.08
CA ALA C 64 33.67 21.61 6.26
C ALA C 64 34.34 22.28 5.06
N ARG C 65 35.55 21.86 4.69
CA ARG C 65 36.17 22.39 3.48
C ARG C 65 35.52 21.84 2.21
N PHE C 66 34.81 20.72 2.32
CA PHE C 66 34.21 20.05 1.16
C PHE C 66 32.70 19.96 1.36
N SER C 67 31.95 20.39 0.36
CA SER C 67 30.50 20.29 0.37
C SER C 67 30.02 20.21 -1.07
N GLY C 68 29.14 19.26 -1.35
CA GLY C 68 28.63 19.05 -2.69
C GLY C 68 27.28 19.69 -2.90
N SER C 69 26.92 19.86 -4.17
CA SER C 69 25.63 20.42 -4.54
C SER C 69 25.23 19.85 -5.89
N GLY C 70 24.08 20.27 -6.37
CA GLY C 70 23.57 19.83 -7.65
C GLY C 70 22.42 18.85 -7.50
N SER C 71 21.61 18.78 -8.56
CA SER C 71 20.46 17.87 -8.58
C SER C 71 20.17 17.52 -10.03
N GLY C 72 20.17 16.22 -10.34
CA GLY C 72 19.89 15.78 -11.69
C GLY C 72 21.10 15.29 -12.44
N THR C 73 21.61 16.10 -13.36
CA THR C 73 22.71 15.70 -14.23
C THR C 73 24.06 16.23 -13.76
N TYR C 74 24.19 17.55 -13.61
CA TYR C 74 25.46 18.17 -13.28
C TYR C 74 25.51 18.51 -11.80
N PHE C 75 26.56 18.07 -11.12
CA PHE C 75 26.69 18.18 -9.67
C PHE C 75 27.92 19.02 -9.33
N SER C 76 27.80 19.80 -8.26
CA SER C 76 28.81 20.77 -7.88
C SER C 76 29.71 20.24 -6.77
N LEU C 77 30.74 21.01 -6.47
CA LEU C 77 31.73 20.64 -5.46
C LEU C 77 32.38 21.92 -4.96
N ASN C 78 32.19 22.25 -3.68
CA ASN C 78 32.68 23.50 -3.11
C ASN C 78 33.98 23.23 -2.36
N ILE C 79 35.09 23.73 -2.91
CA ILE C 79 36.41 23.58 -2.31
C ILE C 79 36.93 25.00 -2.07
N HIS C 80 36.02 25.90 -1.68
CA HIS C 80 36.41 27.30 -1.46
C HIS C 80 37.42 27.48 -0.32
N PRO C 81 37.36 26.78 0.83
CA PRO C 81 38.58 26.80 1.67
C PRO C 81 39.58 25.77 1.19
N MET C 82 40.36 26.14 0.17
CA MET C 82 41.31 25.20 -0.42
C MET C 82 42.52 25.04 0.49
N GLU C 83 42.92 23.79 0.71
CA GLU C 83 43.98 23.44 1.64
C GLU C 83 45.17 22.88 0.88
N GLU C 84 46.37 23.16 1.40
CA GLU C 84 47.60 22.62 0.83
C GLU C 84 47.66 21.11 0.93
N ASP C 85 47.03 20.53 1.96
CA ASP C 85 47.06 19.08 2.16
C ASP C 85 46.17 18.34 1.16
N ASP C 86 45.29 19.04 0.44
CA ASP C 86 44.33 18.40 -0.45
C ASP C 86 44.87 18.15 -1.85
N THR C 87 46.20 18.06 -2.00
CA THR C 87 46.82 17.78 -3.30
C THR C 87 46.69 16.28 -3.61
N ALA C 88 45.54 15.92 -4.17
CA ALA C 88 45.26 14.54 -4.51
C ALA C 88 44.35 14.50 -5.74
N VAL C 89 43.84 13.32 -6.06
CA VAL C 89 42.97 13.10 -7.19
C VAL C 89 41.58 12.78 -6.66
N TYR C 90 40.55 13.09 -7.44
CA TYR C 90 39.17 12.90 -7.03
C TYR C 90 38.42 12.08 -8.08
N PHE C 91 37.46 11.28 -7.61
CA PHE C 91 36.72 10.36 -8.46
C PHE C 91 35.23 10.58 -8.30
N CYS C 92 34.46 9.94 -9.18
CA CYS C 92 33.02 10.09 -9.26
C CYS C 92 32.42 8.73 -9.60
N GLN C 93 31.43 8.29 -8.81
CA GLN C 93 30.92 6.93 -8.93
C GLN C 93 29.41 6.94 -8.96
N GLN C 94 28.84 6.10 -9.83
CA GLN C 94 27.40 5.87 -9.87
C GLN C 94 27.04 4.66 -9.01
N THR C 95 25.88 4.72 -8.38
CA THR C 95 25.33 3.60 -7.60
C THR C 95 23.88 3.34 -7.99
N LYS C 96 23.62 3.25 -9.30
CA LYS C 96 22.30 2.91 -9.82
C LYS C 96 22.43 1.66 -10.67
N GLY C 97 21.76 0.58 -10.24
CA GLY C 97 21.79 -0.68 -10.96
C GLY C 97 23.17 -1.33 -10.91
N VAL C 98 23.37 -2.30 -11.80
CA VAL C 98 24.70 -2.89 -11.98
C VAL C 98 25.37 -2.04 -13.07
N SER C 99 25.85 -0.87 -12.64
CA SER C 99 26.55 0.03 -13.55
C SER C 99 27.69 0.75 -12.84
N TRP C 100 28.28 0.12 -11.83
CA TRP C 100 29.24 0.80 -10.96
C TRP C 100 30.55 1.02 -11.71
N THR C 101 30.92 2.29 -11.88
CA THR C 101 32.14 2.64 -12.60
C THR C 101 32.67 3.95 -12.02
N PHE C 102 33.84 4.35 -12.52
CA PHE C 102 34.47 5.58 -12.09
C PHE C 102 34.82 6.45 -13.29
N GLY C 103 35.03 7.73 -13.03
CA GLY C 103 35.36 8.67 -14.07
C GLY C 103 36.85 8.66 -14.41
N GLY C 104 37.24 9.69 -15.15
CA GLY C 104 38.65 9.80 -15.54
C GLY C 104 39.56 10.22 -14.41
N GLY C 105 39.02 10.99 -13.45
CA GLY C 105 39.82 11.45 -12.33
C GLY C 105 40.52 12.75 -12.61
N THR C 106 40.36 13.72 -11.70
CA THR C 106 40.99 15.02 -11.81
C THR C 106 41.87 15.26 -10.59
N LYS C 107 43.11 15.68 -10.83
CA LYS C 107 44.06 15.98 -9.77
C LYS C 107 44.18 17.49 -9.61
N VAL C 108 45.09 17.90 -8.71
CA VAL C 108 45.34 19.32 -8.47
C VAL C 108 46.80 19.50 -8.11
N GLU C 109 47.44 20.49 -8.74
CA GLU C 109 48.85 20.78 -8.54
C GLU C 109 49.12 22.19 -9.07
N ILE C 110 50.00 22.92 -8.39
CA ILE C 110 50.35 24.28 -8.81
C ILE C 110 51.22 24.25 -10.06
#